data_9AS6
#
_entry.id   9AS6
#
_cell.length_a   1.00
_cell.length_b   1.00
_cell.length_c   1.00
_cell.angle_alpha   90.00
_cell.angle_beta   90.00
_cell.angle_gamma   90.00
#
_symmetry.space_group_name_H-M   'P 1'
#
loop_
_entity.id
_entity.type
_entity.pdbx_description
1 polymer 'Guanine nucleotide-binding protein G(I)/G(S)/G(T) subunit beta-1'
2 polymer 'Guanine nucleotide-binding protein G(I)/G(S)/G(O) subunit gamma-2'
3 polymer '5-hydroxytryptamine receptor 2A'
4 polymer 'G subunit q (Gi2-mini-Gq chimeric)'
5 polymer 'single chain Fab (svFv16)'
6 non-polymer Mescaline
#
loop_
_entity_poly.entity_id
_entity_poly.type
_entity_poly.pdbx_seq_one_letter_code
_entity_poly.pdbx_strand_id
1 'polypeptide(L)'
;MHHHHHHLEVLFQGPGSSGSELDQLRQEAEQLKNQIRDARKACADATLSQITNNIDPVGRIQMRTRRTLRGHLAKIYAMH
WGTDSRLLVSASQDGKLIIWDSYTTNKVHAIPLRSSWVMTCAYAPSGNYVACGGLDNICSIYNLKTREGNVRVSRELAGH
TGYLSCCRFLDDNQIVTSSGDTTCALWDIETGQQTTTFTGHTGDVMSLSLAPDTRLFVSGACDASAKLWDVREGMCRQTF
TGHESDINAICFFPNGNAFATGSDDATCRLFDLRADQELMTYSHDNIICGITSVSFSKSGRLLLAGYDDFNCNVWDALKA
DRAGVLAGHDNRVSCLGVTDDGMAVATGSWDSFLKIWN
;
C
2 'polypeptide(L)' MASNNTASIAQARKLVEQLKMEANIDRIKVSKAAADLMAYCEAHAKEDPLLTPVPASENPFREKKFFCAIL D
3 'polypeptide(L)'
;MDILCEENTSLSSTTNSLMQLNDDTRLYSNDFNSGEANTSDAFNWTVDSENRTNLSCEGCLSPSCLSLLHLQEKNWSALL
TAVVIILTIAGNILVIMAVSLEKKLQNATNYFLMSLAIADMLLGFLVMPVSMLTILYGYRWPLPSKLCAVWIYLDVLFST
ASIMHLCAISLDRYVAIQNPIHHSRFNSRTKAFLKIIAVWTISVGISMPIPVFGLQDDSKVFKEGSCLLADDNFVLIGSF
VSFFIPLTIMVITYFLTIKSLQKEATLCVSDLGTRAKLASFSFLPQSSLSSEKLFQRSIHREPGSYTGRRTMQSISNEQK
ACKVLGIVFFLFVVMWCPFFITNIMAVICKESCNEDVIGALLNVFVWIGYLSSAVNPLVYTLFNKTYRSAFSRYIQCQYK
ENKKPLQLILVNTIPALAYKSSQLQMGQKKNSKQDAKTTDNDCSMVALGKQHSEEASKDNSDGVNEKVSCV
;
A
4 'polypeptide(L)'
;MGSTVSAEDKAAAERSKMIDKNLREDGEKARRTLRLLLLGADNSGKSTIVKQMRILHGGSGGSGGTSGIFETKFQVDKVN
FHMFDVGGQRDERRKWIQCFNDVTAIIFVVDSSDYNRLQEALNDFKSIWNNRWLRTISVILFLNKQDLLAEKVLAGKSKI
EDYFPEFARYTTPEDATPEPGEDPRVTRAKYFIRKEFVDISTASGDGRHICYPHFTCAVDTENARRIFNDCKDIILQMNL
REYNLV
;
B
5 'polypeptide(L)'
;DVQLVESGGGLVQPGGSRKLSCSASGFAFSSFGMHWVRQAPEKGLEWVAYISSGSGTIYYADTVKGRFTISRDDPKNTLF
LQMTSLRSEDTAMYYCVRSIYYYGSSPFDFWGQGTTLTVSSGGGGSGGGGSGGGGSDIVMTQATSSVPVTPGESVSISCR
SSKSLLHSNGNTYLYWFLQRPGQSPQLLIYRMSNLASGVPDRFSGSGSGTAFTLTISRLEAEDVGVYYCMQHLEYPLTFG
AGTKLELKAAALEVLFQGPHHHHHHHH
;
E
#
# COMPACT_ATOMS: atom_id res chain seq x y z
N LEU A 25 -3.87 -45.68 28.40
CA LEU A 25 -3.06 -44.47 28.38
C LEU A 25 -3.95 -43.23 28.47
N ARG A 26 -5.12 -43.30 27.82
CA ARG A 26 -6.05 -42.17 27.85
C ARG A 26 -6.55 -41.92 29.27
N GLN A 27 -6.83 -42.98 30.02
CA GLN A 27 -7.25 -42.82 31.41
C GLN A 27 -6.15 -42.18 32.25
N GLU A 28 -4.90 -42.57 32.03
CA GLU A 28 -3.79 -41.97 32.75
C GLU A 28 -3.65 -40.49 32.39
N ALA A 29 -4.00 -40.12 31.15
CA ALA A 29 -3.93 -38.73 30.74
C ALA A 29 -4.90 -37.87 31.54
N GLU A 30 -6.10 -38.38 31.78
CA GLU A 30 -7.12 -37.60 32.49
C GLU A 30 -6.68 -37.27 33.91
N GLN A 31 -6.07 -38.23 34.60
CA GLN A 31 -5.61 -37.99 35.96
C GLN A 31 -4.55 -36.89 36.01
N LEU A 32 -3.58 -36.95 35.10
CA LEU A 32 -2.55 -35.92 35.05
C LEU A 32 -3.15 -34.58 34.66
N LYS A 33 -4.07 -34.57 33.70
CA LYS A 33 -4.75 -33.33 33.33
C LYS A 33 -5.57 -32.80 34.50
N ASN A 34 -6.25 -33.69 35.23
CA ASN A 34 -7.00 -33.27 36.41
C ASN A 34 -6.06 -32.74 37.48
N GLN A 35 -4.87 -33.35 37.61
CA GLN A 35 -3.89 -32.86 38.57
C GLN A 35 -3.45 -31.44 38.21
N ILE A 36 -3.25 -31.17 36.92
CA ILE A 36 -2.83 -29.83 36.50
C ILE A 36 -3.91 -28.80 36.82
N ARG A 37 -5.18 -29.15 36.57
CA ARG A 37 -6.27 -28.21 36.83
C ARG A 37 -6.34 -27.84 38.30
N ASP A 38 -6.12 -28.82 39.19
CA ASP A 38 -6.10 -28.52 40.62
C ASP A 38 -4.90 -27.64 40.98
N ALA A 39 -3.75 -27.89 40.34
CA ALA A 39 -2.54 -27.16 40.69
C ALA A 39 -2.67 -25.68 40.38
N ARG A 40 -3.20 -25.34 39.19
CA ARG A 40 -3.37 -23.94 38.83
C ARG A 40 -4.52 -23.30 39.61
N LYS A 41 -5.56 -24.09 39.91
CA LYS A 41 -6.67 -23.57 40.70
C LYS A 41 -6.22 -23.22 42.12
N ALA A 42 -5.33 -24.03 42.69
CA ALA A 42 -4.86 -23.79 44.05
C ALA A 42 -4.05 -22.48 44.11
N CYS A 43 -3.33 -22.15 43.04
CA CYS A 43 -2.47 -20.98 43.07
C CYS A 43 -3.28 -19.69 43.01
N ALA A 44 -4.49 -19.74 42.44
CA ALA A 44 -5.30 -18.54 42.23
C ALA A 44 -5.92 -18.08 43.54
N ASP A 45 -5.06 -17.59 44.44
CA ASP A 45 -5.53 -17.03 45.70
C ASP A 45 -6.10 -15.64 45.51
N ALA A 46 -5.52 -14.86 44.58
CA ALA A 46 -5.92 -13.48 44.35
C ALA A 46 -5.98 -13.23 42.85
N THR A 47 -6.87 -12.31 42.45
CA THR A 47 -6.98 -11.90 41.05
C THR A 47 -6.11 -10.67 40.81
N LEU A 48 -5.61 -10.54 39.57
CA LEU A 48 -4.77 -9.40 39.22
C LEU A 48 -5.48 -8.08 39.50
N SER A 49 -6.74 -7.96 39.07
CA SER A 49 -7.49 -6.73 39.31
C SER A 49 -7.66 -6.46 40.80
N GLN A 50 -7.82 -7.51 41.60
CA GLN A 50 -7.86 -7.33 43.04
C GLN A 50 -6.53 -6.78 43.56
N ILE A 51 -5.41 -7.28 43.02
CA ILE A 51 -4.11 -6.84 43.49
C ILE A 51 -3.87 -5.37 43.12
N THR A 52 -4.13 -5.01 41.88
CA THR A 52 -3.90 -3.66 41.39
C THR A 52 -5.14 -2.77 41.50
N ASN A 53 -6.06 -3.08 42.40
CA ASN A 53 -7.26 -2.26 42.53
C ASN A 53 -6.91 -0.85 42.97
N ASN A 54 -5.97 -0.70 43.90
CA ASN A 54 -5.56 0.61 44.40
C ASN A 54 -4.32 1.08 43.65
N ILE A 55 -4.54 1.39 42.37
CA ILE A 55 -3.53 1.96 41.49
C ILE A 55 -4.17 3.11 40.74
N ASP A 56 -3.45 4.22 40.61
CA ASP A 56 -4.01 5.39 39.96
C ASP A 56 -4.27 5.09 38.48
N PRO A 57 -5.44 5.44 37.95
CA PRO A 57 -5.70 5.13 36.53
C PRO A 57 -4.82 5.94 35.61
N VAL A 58 -4.52 5.37 34.44
CA VAL A 58 -3.71 6.09 33.46
C VAL A 58 -4.54 7.20 32.81
N GLY A 59 -5.85 7.06 32.80
CA GLY A 59 -6.71 8.04 32.18
C GLY A 59 -6.75 7.87 30.67
N ARG A 60 -7.46 8.79 30.02
CA ARG A 60 -7.54 8.75 28.58
C ARG A 60 -6.19 9.03 27.95
N ILE A 61 -5.85 8.24 26.93
CA ILE A 61 -4.63 8.39 26.16
C ILE A 61 -5.03 8.79 24.74
N GLN A 62 -4.36 9.82 24.21
CA GLN A 62 -4.60 10.31 22.87
C GLN A 62 -3.31 10.28 22.08
N MET A 63 -3.36 9.63 20.91
CA MET A 63 -2.25 9.60 19.97
C MET A 63 -2.78 10.02 18.60
N ARG A 64 -1.94 10.72 17.84
CA ARG A 64 -2.28 11.21 16.51
C ARG A 64 -1.25 10.72 15.52
N THR A 65 -1.67 10.63 14.26
CA THR A 65 -0.82 10.12 13.19
C THR A 65 0.26 11.14 12.88
N ARG A 66 1.50 10.83 13.25
CA ARG A 66 2.62 11.71 12.90
C ARG A 66 3.07 11.51 11.46
N ARG A 67 2.96 10.28 10.97
CA ARG A 67 3.43 9.96 9.60
C ARG A 67 2.56 8.89 8.92
N THR A 68 2.19 9.09 7.65
CA THR A 68 1.45 8.11 6.87
C THR A 68 2.31 7.71 5.69
N LEU A 69 2.68 6.43 5.62
CA LEU A 69 3.61 5.92 4.64
C LEU A 69 2.83 5.39 3.44
N ARG A 70 3.12 5.94 2.27
CA ARG A 70 2.42 5.62 1.02
C ARG A 70 3.42 5.04 0.03
N GLY A 71 2.91 4.21 -0.87
CA GLY A 71 3.71 3.56 -1.88
C GLY A 71 3.44 2.09 -2.09
N HIS A 72 2.65 1.46 -1.22
CA HIS A 72 2.28 0.05 -1.36
C HIS A 72 0.99 0.01 -2.16
N LEU A 73 1.04 -0.64 -3.33
CA LEU A 73 -0.11 -0.64 -4.23
C LEU A 73 -1.30 -1.39 -3.62
N ALA A 74 -1.03 -2.52 -2.98
CA ALA A 74 -2.07 -3.41 -2.47
C ALA A 74 -1.95 -3.54 -0.96
N LYS A 75 -2.84 -4.37 -0.42
CA LYS A 75 -2.94 -4.54 1.05
C LYS A 75 -1.61 -4.96 1.69
N ILE A 76 -1.37 -4.47 2.89
CA ILE A 76 -0.15 -4.77 3.64
C ILE A 76 -0.48 -5.88 4.63
N TYR A 77 0.33 -6.94 4.62
CA TYR A 77 0.07 -8.10 5.46
C TYR A 77 0.87 -8.06 6.76
N ALA A 78 2.12 -7.60 6.70
CA ALA A 78 3.00 -7.63 7.86
C ALA A 78 3.95 -6.43 7.83
N MET A 79 4.45 -6.09 9.01
CA MET A 79 5.49 -5.09 9.18
C MET A 79 6.35 -5.48 10.37
N HIS A 80 7.55 -4.90 10.44
CA HIS A 80 8.44 -5.10 11.57
C HIS A 80 9.38 -3.92 11.70
N TRP A 81 9.63 -3.50 12.94
CA TRP A 81 10.54 -2.39 13.21
C TRP A 81 11.98 -2.89 13.23
N GLY A 82 12.90 -2.02 12.83
CA GLY A 82 14.30 -2.28 13.07
C GLY A 82 14.71 -1.87 14.47
N THR A 83 15.76 -2.53 14.99
CA THR A 83 16.21 -2.23 16.34
C THR A 83 16.75 -0.81 16.45
N ASP A 84 17.16 -0.21 15.32
CA ASP A 84 17.61 1.17 15.31
C ASP A 84 16.46 2.13 15.58
N SER A 85 15.22 1.65 15.52
CA SER A 85 13.96 2.34 15.86
C SER A 85 13.55 3.34 14.79
N ARG A 86 14.30 3.49 13.70
CA ARG A 86 13.99 4.43 12.63
C ARG A 86 13.53 3.74 11.36
N LEU A 87 13.96 2.51 11.10
CA LEU A 87 13.67 1.78 9.88
C LEU A 87 12.64 0.70 10.17
N LEU A 88 11.75 0.49 9.22
CA LEU A 88 10.80 -0.62 9.27
C LEU A 88 10.69 -1.25 7.88
N VAL A 89 10.33 -2.52 7.86
CA VAL A 89 10.08 -3.28 6.64
C VAL A 89 8.60 -3.62 6.62
N SER A 90 8.02 -3.71 5.42
CA SER A 90 6.63 -4.08 5.25
C SER A 90 6.47 -4.96 4.02
N ALA A 91 5.55 -5.91 4.11
CA ALA A 91 5.23 -6.84 3.03
C ALA A 91 3.78 -6.62 2.63
N SER A 92 3.48 -6.81 1.35
CA SER A 92 2.16 -6.50 0.81
C SER A 92 1.78 -7.47 -0.30
N GLN A 93 0.49 -7.45 -0.63
CA GLN A 93 -0.05 -8.33 -1.66
C GLN A 93 0.55 -8.01 -3.03
N ASP A 94 0.99 -6.77 -3.26
CA ASP A 94 1.49 -6.40 -4.57
C ASP A 94 2.81 -7.08 -4.91
N GLY A 95 3.45 -7.76 -3.96
CA GLY A 95 4.66 -8.49 -4.21
C GLY A 95 5.93 -7.72 -4.00
N LYS A 96 5.92 -6.70 -3.14
CA LYS A 96 7.07 -5.85 -2.88
C LYS A 96 7.33 -5.80 -1.38
N LEU A 97 8.62 -5.87 -1.02
CA LEU A 97 9.09 -5.63 0.33
C LEU A 97 9.83 -4.30 0.34
N ILE A 98 9.32 -3.34 1.11
CA ILE A 98 9.83 -1.97 1.11
C ILE A 98 10.34 -1.64 2.49
N ILE A 99 11.58 -1.13 2.57
CA ILE A 99 12.16 -0.62 3.80
C ILE A 99 11.98 0.89 3.79
N TRP A 100 11.43 1.44 4.87
CA TRP A 100 11.12 2.86 4.97
C TRP A 100 12.02 3.52 6.00
N ASP A 101 12.22 4.82 5.82
CA ASP A 101 12.77 5.69 6.86
C ASP A 101 11.59 6.41 7.51
N SER A 102 11.27 6.03 8.75
CA SER A 102 10.06 6.54 9.38
C SER A 102 10.13 8.05 9.60
N TYR A 103 11.31 8.54 9.98
CA TYR A 103 11.42 9.96 10.31
C TYR A 103 11.18 10.83 9.09
N THR A 104 11.77 10.46 7.95
CA THR A 104 11.69 11.26 6.74
C THR A 104 10.75 10.68 5.69
N THR A 105 10.14 9.52 5.94
CA THR A 105 9.15 8.84 5.09
C THR A 105 9.80 8.22 3.85
N ASN A 106 11.09 8.45 3.62
CA ASN A 106 11.75 7.97 2.41
C ASN A 106 11.79 6.44 2.36
N LYS A 107 11.94 5.91 1.16
CA LYS A 107 12.06 4.48 0.92
C LYS A 107 13.54 4.15 0.72
N VAL A 108 14.09 3.31 1.60
CA VAL A 108 15.50 2.95 1.51
C VAL A 108 15.70 1.90 0.43
N HIS A 109 14.84 0.87 0.41
CA HIS A 109 14.94 -0.22 -0.54
C HIS A 109 13.55 -0.64 -0.97
N ALA A 110 13.47 -1.28 -2.13
CA ALA A 110 12.25 -1.93 -2.61
C ALA A 110 12.65 -3.24 -3.27
N ILE A 111 12.21 -4.34 -2.69
CA ILE A 111 12.70 -5.68 -3.03
C ILE A 111 11.61 -6.39 -3.84
N PRO A 112 11.89 -6.84 -5.07
CA PRO A 112 10.89 -7.65 -5.78
C PRO A 112 10.85 -9.07 -5.23
N LEU A 113 9.63 -9.55 -5.01
CA LEU A 113 9.38 -10.86 -4.41
C LEU A 113 8.91 -11.83 -5.48
N ARG A 114 9.43 -13.06 -5.42
CA ARG A 114 9.03 -14.07 -6.40
C ARG A 114 7.54 -14.40 -6.28
N SER A 115 7.05 -14.54 -5.05
CA SER A 115 5.66 -14.90 -4.77
C SER A 115 4.92 -13.69 -4.24
N SER A 116 3.74 -13.42 -4.80
CA SER A 116 2.96 -12.26 -4.37
C SER A 116 2.27 -12.51 -3.03
N TRP A 117 2.16 -13.76 -2.60
CA TRP A 117 1.46 -14.12 -1.37
C TRP A 117 2.48 -14.24 -0.25
N VAL A 118 2.52 -13.23 0.62
CA VAL A 118 3.51 -13.09 1.67
C VAL A 118 2.77 -12.83 2.97
N MET A 119 2.89 -13.74 3.92
CA MET A 119 2.16 -13.64 5.19
C MET A 119 2.97 -12.99 6.30
N THR A 120 4.29 -12.82 6.15
CA THR A 120 5.13 -12.31 7.21
C THR A 120 6.40 -11.70 6.65
N CYS A 121 7.01 -10.82 7.44
CA CYS A 121 8.32 -10.27 7.19
C CYS A 121 9.02 -10.04 8.52
N ALA A 122 10.34 -10.02 8.49
CA ALA A 122 11.14 -9.83 9.68
C ALA A 122 12.37 -8.98 9.36
N TYR A 123 12.87 -8.31 10.40
CA TYR A 123 14.08 -7.45 10.27
C TYR A 123 15.08 -7.95 11.30
N ALA A 124 16.33 -8.16 10.91
CA ALA A 124 17.34 -8.71 11.79
C ALA A 124 17.63 -7.73 12.93
N PRO A 125 18.03 -8.23 14.11
CA PRO A 125 18.43 -7.28 15.16
C PRO A 125 19.61 -6.42 14.78
N SER A 126 20.54 -6.98 13.99
CA SER A 126 21.66 -6.19 13.50
C SER A 126 21.23 -5.24 12.39
N GLY A 127 20.18 -5.59 11.66
CA GLY A 127 19.72 -4.82 10.54
C GLY A 127 20.36 -5.19 9.21
N ASN A 128 21.24 -6.20 9.18
CA ASN A 128 21.90 -6.55 7.94
C ASN A 128 20.99 -7.35 7.03
N TYR A 129 20.04 -8.11 7.59
CA TYR A 129 19.18 -9.00 6.83
C TYR A 129 17.72 -8.74 7.15
N VAL A 130 16.86 -9.10 6.20
CA VAL A 130 15.42 -9.21 6.40
C VAL A 130 14.98 -10.55 5.85
N ALA A 131 13.80 -11.01 6.30
CA ALA A 131 13.28 -12.31 5.91
C ALA A 131 11.85 -12.17 5.40
N CYS A 132 11.36 -13.22 4.76
CA CYS A 132 10.06 -13.24 4.11
C CYS A 132 9.44 -14.63 4.24
N GLY A 133 8.13 -14.69 4.11
CA GLY A 133 7.42 -15.96 4.17
C GLY A 133 6.00 -15.84 3.67
N GLY A 134 5.46 -16.96 3.21
CA GLY A 134 4.12 -16.96 2.66
C GLY A 134 3.65 -18.34 2.30
N LEU A 135 2.69 -18.38 1.37
CA LEU A 135 2.08 -19.64 0.95
C LEU A 135 3.04 -20.54 0.17
N ASP A 136 4.20 -20.02 -0.26
CA ASP A 136 5.15 -20.84 -0.99
C ASP A 136 5.89 -21.81 -0.08
N ASN A 137 5.69 -21.71 1.25
CA ASN A 137 6.27 -22.63 2.22
C ASN A 137 7.79 -22.53 2.29
N ILE A 138 8.36 -21.42 1.82
CA ILE A 138 9.80 -21.18 1.84
C ILE A 138 10.05 -19.85 2.52
N CYS A 139 11.05 -19.81 3.40
CA CYS A 139 11.50 -18.58 4.03
C CYS A 139 12.73 -18.06 3.30
N SER A 140 12.64 -16.85 2.77
CA SER A 140 13.70 -16.25 1.98
C SER A 140 14.35 -15.13 2.77
N ILE A 141 15.66 -15.24 2.99
CA ILE A 141 16.44 -14.26 3.73
C ILE A 141 17.16 -13.39 2.72
N TYR A 142 17.05 -12.07 2.90
CA TYR A 142 17.59 -11.09 1.96
C TYR A 142 18.76 -10.37 2.60
N ASN A 143 19.83 -10.15 1.83
CA ASN A 143 21.01 -9.44 2.30
C ASN A 143 20.89 -7.97 1.90
N LEU A 144 20.63 -7.11 2.89
CA LEU A 144 20.45 -5.68 2.59
C LEU A 144 21.78 -5.02 2.26
N LYS A 145 22.81 -5.26 3.06
CA LYS A 145 24.10 -4.59 2.94
C LYS A 145 25.06 -5.51 2.20
N THR A 146 25.42 -5.12 0.98
CA THR A 146 26.32 -5.92 0.16
C THR A 146 27.03 -5.03 -0.83
N ARG A 147 28.25 -5.41 -1.19
CA ARG A 147 28.89 -4.83 -2.35
C ARG A 147 28.06 -5.16 -3.58
N GLU A 148 28.11 -4.27 -4.56
CA GLU A 148 27.32 -4.21 -5.80
C GLU A 148 25.96 -3.57 -5.57
N GLY A 149 25.61 -3.22 -4.33
CA GLY A 149 24.53 -2.27 -4.07
C GLY A 149 23.15 -2.68 -4.53
N ASN A 150 22.77 -3.93 -4.34
CA ASN A 150 21.39 -4.37 -4.57
C ASN A 150 21.05 -5.46 -3.57
N VAL A 151 19.78 -5.53 -3.18
CA VAL A 151 19.34 -6.56 -2.25
C VAL A 151 19.15 -7.87 -3.00
N ARG A 152 19.80 -8.92 -2.51
CA ARG A 152 19.77 -10.24 -3.12
C ARG A 152 19.39 -11.29 -2.07
N VAL A 153 18.80 -12.38 -2.54
CA VAL A 153 18.36 -13.46 -1.67
C VAL A 153 19.59 -14.22 -1.20
N SER A 154 19.93 -14.09 0.08
CA SER A 154 21.07 -14.83 0.63
C SER A 154 20.76 -16.32 0.73
N ARG A 155 19.59 -16.67 1.27
CA ARG A 155 19.22 -18.06 1.49
C ARG A 155 17.72 -18.20 1.35
N GLU A 156 17.30 -19.35 0.83
CA GLU A 156 15.91 -19.78 0.82
C GLU A 156 15.80 -21.06 1.64
N LEU A 157 15.05 -21.00 2.72
CA LEU A 157 14.96 -22.09 3.69
C LEU A 157 13.75 -22.95 3.36
N ALA A 158 13.99 -24.22 3.04
CA ALA A 158 12.96 -25.16 2.64
C ALA A 158 12.96 -26.34 3.61
N GLY A 159 11.76 -26.90 3.81
CA GLY A 159 11.56 -27.97 4.76
C GLY A 159 10.26 -27.92 5.52
N HIS A 160 9.43 -26.89 5.31
CA HIS A 160 8.13 -26.77 5.95
C HIS A 160 7.07 -27.26 4.97
N THR A 161 6.16 -28.09 5.44
CA THR A 161 5.10 -28.65 4.61
C THR A 161 3.84 -27.77 4.59
N GLY A 162 3.89 -26.57 5.17
CA GLY A 162 2.77 -25.67 5.13
C GLY A 162 3.24 -24.23 5.07
N TYR A 163 2.28 -23.34 4.84
CA TYR A 163 2.59 -21.92 4.72
C TYR A 163 3.19 -21.40 6.02
N LEU A 164 4.16 -20.50 5.88
CA LEU A 164 4.83 -19.89 7.03
C LEU A 164 4.00 -18.73 7.53
N SER A 165 3.58 -18.81 8.79
CA SER A 165 2.75 -17.75 9.37
C SER A 165 3.60 -16.64 9.96
N CYS A 166 4.75 -16.98 10.54
CA CYS A 166 5.61 -16.00 11.19
C CYS A 166 7.06 -16.46 11.13
N CYS A 167 7.97 -15.49 11.27
CA CYS A 167 9.40 -15.75 11.32
C CYS A 167 10.07 -14.63 12.09
N ARG A 168 11.02 -14.98 12.96
CA ARG A 168 11.71 -14.00 13.80
C ARG A 168 13.17 -14.39 13.95
N PHE A 169 14.05 -13.41 13.82
CA PHE A 169 15.49 -13.61 13.93
C PHE A 169 15.88 -13.64 15.40
N LEU A 170 16.58 -14.70 15.80
CA LEU A 170 17.29 -14.68 17.07
C LEU A 170 18.59 -13.90 16.94
N ASP A 171 19.34 -14.17 15.88
CA ASP A 171 20.55 -13.43 15.55
C ASP A 171 20.72 -13.49 14.05
N ASP A 172 21.88 -13.06 13.56
CA ASP A 172 22.13 -13.09 12.12
C ASP A 172 22.11 -14.50 11.58
N ASN A 173 22.58 -15.47 12.37
CA ASN A 173 22.70 -16.84 11.87
C ASN A 173 21.39 -17.60 11.99
N GLN A 174 20.66 -17.41 13.09
CA GLN A 174 19.54 -18.28 13.46
C GLN A 174 18.22 -17.55 13.29
N ILE A 175 17.19 -18.30 12.88
CA ILE A 175 15.85 -17.78 12.67
C ILE A 175 14.86 -18.88 13.02
N VAL A 176 13.80 -18.51 13.75
CA VAL A 176 12.70 -19.40 14.08
C VAL A 176 11.52 -19.06 13.18
N THR A 177 10.80 -20.09 12.73
CA THR A 177 9.62 -19.93 11.89
C THR A 177 8.49 -20.78 12.44
N SER A 178 7.27 -20.36 12.14
CA SER A 178 6.06 -21.12 12.44
C SER A 178 5.27 -21.33 11.16
N SER A 179 4.64 -22.49 11.05
CA SER A 179 4.05 -22.93 9.80
C SER A 179 2.64 -23.45 10.03
N GLY A 180 1.91 -23.63 8.93
CA GLY A 180 0.64 -24.33 8.96
C GLY A 180 0.79 -25.85 9.01
N ASP A 181 2.02 -26.34 9.06
CA ASP A 181 2.29 -27.76 9.26
C ASP A 181 1.95 -28.19 10.70
N THR A 182 1.72 -27.22 11.60
CA THR A 182 1.57 -27.41 13.04
C THR A 182 2.93 -27.71 13.65
N THR A 183 3.98 -27.14 13.08
CA THR A 183 5.34 -27.28 13.57
C THR A 183 6.05 -25.94 13.48
N CYS A 184 6.97 -25.72 14.42
CA CYS A 184 7.92 -24.61 14.36
C CYS A 184 9.32 -25.20 14.26
N ALA A 185 10.24 -24.47 13.65
CA ALA A 185 11.59 -24.95 13.40
C ALA A 185 12.60 -23.84 13.71
N LEU A 186 13.79 -24.27 14.10
CA LEU A 186 14.94 -23.39 14.27
C LEU A 186 15.93 -23.70 13.15
N TRP A 187 16.26 -22.69 12.36
CA TRP A 187 17.09 -22.85 11.18
C TRP A 187 18.45 -22.22 11.40
N ASP A 188 19.48 -22.87 10.87
CA ASP A 188 20.81 -22.30 10.78
C ASP A 188 20.99 -21.80 9.34
N ILE A 189 21.01 -20.47 9.18
CA ILE A 189 20.92 -19.89 7.84
C ILE A 189 22.17 -20.23 7.03
N GLU A 190 23.33 -20.29 7.68
CA GLU A 190 24.55 -20.63 6.96
C GLU A 190 24.49 -22.04 6.38
N THR A 191 24.07 -23.01 7.18
CA THR A 191 23.95 -24.39 6.70
C THR A 191 22.69 -24.56 5.85
N GLY A 192 21.61 -23.90 6.22
CA GLY A 192 20.36 -23.98 5.49
C GLY A 192 19.46 -25.13 5.87
N GLN A 193 19.73 -25.81 6.99
CA GLN A 193 18.94 -26.95 7.44
C GLN A 193 18.50 -26.71 8.88
N GLN A 194 17.36 -27.28 9.25
CA GLN A 194 16.82 -27.09 10.59
C GLN A 194 17.73 -27.74 11.62
N THR A 195 17.91 -27.05 12.75
CA THR A 195 18.62 -27.61 13.90
C THR A 195 17.67 -28.13 14.96
N THR A 196 16.41 -27.71 14.96
CA THR A 196 15.44 -28.19 15.92
C THR A 196 14.05 -28.02 15.31
N THR A 197 13.12 -28.88 15.75
CA THR A 197 11.72 -28.81 15.35
C THR A 197 10.86 -28.94 16.58
N PHE A 198 9.82 -28.11 16.65
CA PHE A 198 8.91 -28.06 17.79
C PHE A 198 7.56 -28.61 17.35
N THR A 199 7.15 -29.74 17.94
CA THR A 199 5.96 -30.48 17.53
C THR A 199 5.08 -30.74 18.76
N GLY A 200 4.24 -29.75 19.08
CA GLY A 200 3.22 -29.91 20.10
C GLY A 200 1.83 -29.53 19.63
N HIS A 201 1.76 -28.65 18.64
CA HIS A 201 0.47 -28.08 18.23
C HIS A 201 -0.35 -29.08 17.43
N THR A 202 -1.67 -29.00 17.57
CA THR A 202 -2.61 -29.78 16.78
C THR A 202 -3.28 -28.96 15.69
N GLY A 203 -2.81 -27.73 15.44
CA GLY A 203 -3.38 -26.89 14.41
C GLY A 203 -2.32 -25.96 13.85
N ASP A 204 -2.71 -25.22 12.82
CA ASP A 204 -1.78 -24.30 12.17
C ASP A 204 -1.30 -23.24 13.16
N VAL A 205 0.01 -23.02 13.19
CA VAL A 205 0.62 -22.07 14.11
C VAL A 205 0.56 -20.71 13.44
N MET A 206 -0.23 -19.79 14.02
CA MET A 206 -0.48 -18.51 13.38
C MET A 206 0.56 -17.46 13.76
N SER A 207 1.14 -17.57 14.96
CA SER A 207 1.99 -16.50 15.48
C SER A 207 3.02 -17.07 16.44
N LEU A 208 4.07 -16.29 16.66
CA LEU A 208 5.10 -16.60 17.64
C LEU A 208 5.69 -15.30 18.17
N SER A 209 6.27 -15.36 19.36
CA SER A 209 6.97 -14.22 19.94
C SER A 209 8.19 -14.71 20.70
N LEU A 210 9.30 -13.98 20.53
CA LEU A 210 10.58 -14.33 21.12
C LEU A 210 10.76 -13.60 22.44
N ALA A 211 11.25 -14.30 23.45
CA ALA A 211 11.48 -13.66 24.73
C ALA A 211 12.61 -12.64 24.61
N PRO A 212 12.64 -11.61 25.46
CA PRO A 212 13.77 -10.66 25.38
C PRO A 212 15.12 -11.30 25.62
N ASP A 213 15.18 -12.30 26.50
CA ASP A 213 16.45 -13.01 26.72
C ASP A 213 16.75 -13.97 25.58
N THR A 214 15.76 -14.29 24.75
CA THR A 214 15.83 -15.11 23.52
C THR A 214 15.95 -16.60 23.86
N ARG A 215 16.12 -16.98 25.13
CA ARG A 215 16.32 -18.38 25.46
C ARG A 215 15.05 -19.20 25.26
N LEU A 216 13.89 -18.54 25.20
CA LEU A 216 12.61 -19.23 25.03
C LEU A 216 11.67 -18.36 24.23
N PHE A 217 10.63 -18.99 23.67
CA PHE A 217 9.65 -18.31 22.83
C PHE A 217 8.30 -19.01 22.94
N VAL A 218 7.25 -18.29 22.57
CA VAL A 218 5.88 -18.78 22.62
C VAL A 218 5.34 -18.89 21.20
N SER A 219 4.28 -19.67 21.03
CA SER A 219 3.64 -19.87 19.75
C SER A 219 2.13 -19.95 19.94
N GLY A 220 1.38 -19.36 19.02
CA GLY A 220 -0.07 -19.43 19.03
C GLY A 220 -0.58 -20.18 17.82
N ALA A 221 -1.65 -20.95 17.97
CA ALA A 221 -2.13 -21.83 16.92
C ALA A 221 -3.65 -21.84 16.85
N CYS A 222 -4.16 -22.40 15.76
CA CYS A 222 -5.60 -22.58 15.60
C CYS A 222 -6.17 -23.62 16.55
N ASP A 223 -5.31 -24.39 17.22
CA ASP A 223 -5.76 -25.27 18.30
C ASP A 223 -6.39 -24.46 19.43
N ALA A 224 -6.04 -23.16 19.54
CA ALA A 224 -6.45 -22.25 20.60
C ALA A 224 -5.71 -22.57 21.89
N SER A 225 -4.46 -23.02 21.76
CA SER A 225 -3.55 -23.22 22.87
C SER A 225 -2.22 -22.54 22.55
N ALA A 226 -1.61 -21.98 23.57
CA ALA A 226 -0.29 -21.35 23.47
C ALA A 226 0.69 -22.14 24.31
N LYS A 227 1.83 -22.49 23.73
CA LYS A 227 2.82 -23.35 24.36
C LYS A 227 4.13 -22.61 24.50
N LEU A 228 4.71 -22.63 25.69
CA LEU A 228 6.05 -22.12 25.90
C LEU A 228 7.08 -23.12 25.38
N TRP A 229 8.02 -22.63 24.59
CA TRP A 229 9.03 -23.46 23.93
C TRP A 229 10.41 -23.06 24.42
N ASP A 230 11.23 -24.09 24.70
CA ASP A 230 12.64 -23.84 25.07
C ASP A 230 13.45 -24.02 23.79
N VAL A 231 14.14 -22.97 23.35
CA VAL A 231 14.85 -23.00 22.07
C VAL A 231 16.00 -23.99 22.13
N ARG A 232 16.78 -23.95 23.21
CA ARG A 232 17.96 -24.82 23.31
C ARG A 232 17.58 -26.29 23.40
N GLU A 233 16.62 -26.61 24.27
CA GLU A 233 16.29 -28.01 24.51
C GLU A 233 15.45 -28.58 23.37
N GLY A 234 14.53 -27.79 22.81
CA GLY A 234 13.63 -28.27 21.78
C GLY A 234 12.36 -28.89 22.29
N MET A 235 11.96 -28.60 23.54
CA MET A 235 10.81 -29.20 24.18
C MET A 235 9.84 -28.11 24.61
N CYS A 236 8.62 -28.52 24.93
CA CYS A 236 7.59 -27.62 25.43
C CYS A 236 7.64 -27.60 26.95
N ARG A 237 7.78 -26.40 27.52
CA ARG A 237 7.78 -26.28 28.98
C ARG A 237 6.37 -26.24 29.54
N GLN A 238 5.51 -25.39 28.98
CA GLN A 238 4.17 -25.17 29.50
C GLN A 238 3.20 -24.99 28.34
N THR A 239 1.92 -25.23 28.61
CA THR A 239 0.85 -25.02 27.65
C THR A 239 -0.28 -24.25 28.33
N PHE A 240 -0.79 -23.23 27.65
CA PHE A 240 -1.81 -22.34 28.19
C PHE A 240 -3.05 -22.41 27.30
N THR A 241 -4.21 -22.63 27.91
CA THR A 241 -5.47 -22.77 27.20
C THR A 241 -6.53 -21.93 27.88
N GLY A 242 -6.96 -20.86 27.22
CA GLY A 242 -8.07 -20.06 27.69
C GLY A 242 -8.95 -19.50 26.58
N HIS A 243 -8.64 -19.81 25.32
CA HIS A 243 -9.28 -19.21 24.16
C HIS A 243 -10.19 -20.23 23.50
N GLU A 244 -11.38 -19.78 23.08
CA GLU A 244 -12.32 -20.69 22.43
C GLU A 244 -11.93 -20.95 20.98
N SER A 245 -11.34 -19.95 20.32
CA SER A 245 -11.02 -20.02 18.90
C SER A 245 -9.54 -19.74 18.67
N ASP A 246 -9.17 -19.63 17.40
CA ASP A 246 -7.77 -19.53 17.00
C ASP A 246 -7.10 -18.30 17.60
N ILE A 247 -5.81 -18.43 17.89
CA ILE A 247 -5.01 -17.33 18.47
C ILE A 247 -4.24 -16.70 17.31
N ASN A 248 -4.71 -15.53 16.88
CA ASN A 248 -4.10 -14.88 15.72
C ASN A 248 -2.78 -14.21 16.07
N ALA A 249 -2.68 -13.65 17.27
CA ALA A 249 -1.59 -12.76 17.65
C ALA A 249 -1.06 -13.13 19.04
N ILE A 250 0.25 -12.96 19.22
CA ILE A 250 0.95 -13.32 20.45
C ILE A 250 2.07 -12.32 20.66
N CYS A 251 2.24 -11.87 21.91
CA CYS A 251 3.31 -10.95 22.27
C CYS A 251 3.77 -11.19 23.70
N PHE A 252 5.07 -10.99 23.91
CA PHE A 252 5.67 -11.21 25.25
C PHE A 252 5.70 -9.91 26.03
N PHE A 253 5.31 -9.96 27.30
CA PHE A 253 5.40 -8.82 28.19
C PHE A 253 6.87 -8.38 28.26
N PRO A 254 7.15 -7.07 28.42
CA PRO A 254 8.55 -6.64 28.38
C PRO A 254 9.43 -7.29 29.43
N ASN A 255 8.89 -7.57 30.62
CA ASN A 255 9.64 -8.31 31.63
C ASN A 255 9.99 -9.71 31.14
N GLY A 256 9.12 -10.30 30.34
CA GLY A 256 9.29 -11.67 29.88
C GLY A 256 8.62 -12.72 30.73
N ASN A 257 8.08 -12.33 31.89
CA ASN A 257 7.40 -13.31 32.75
C ASN A 257 5.97 -13.57 32.29
N ALA A 258 5.41 -12.71 31.44
CA ALA A 258 4.03 -12.82 30.98
C ALA A 258 3.98 -12.59 29.48
N PHE A 259 2.86 -12.98 28.88
CA PHE A 259 2.60 -12.74 27.47
C PHE A 259 1.11 -12.53 27.27
N ALA A 260 0.76 -11.90 26.15
CA ALA A 260 -0.61 -11.56 25.80
C ALA A 260 -0.97 -12.21 24.48
N THR A 261 -2.22 -12.64 24.36
CA THR A 261 -2.71 -13.37 23.20
C THR A 261 -3.85 -12.61 22.55
N GLY A 262 -4.04 -12.84 21.25
CA GLY A 262 -5.17 -12.29 20.52
C GLY A 262 -5.84 -13.37 19.71
N SER A 263 -7.17 -13.37 19.67
CA SER A 263 -7.93 -14.44 19.06
C SER A 263 -9.11 -13.87 18.28
N ASP A 264 -9.85 -14.77 17.64
CA ASP A 264 -11.07 -14.39 16.92
C ASP A 264 -12.27 -14.23 17.84
N ASP A 265 -12.09 -14.41 19.15
CA ASP A 265 -13.21 -14.27 20.07
C ASP A 265 -13.43 -12.80 20.46
N ALA A 266 -12.65 -11.89 19.88
CA ALA A 266 -12.71 -10.48 20.26
C ALA A 266 -12.34 -10.30 21.72
N THR A 267 -11.41 -11.12 22.21
CA THR A 267 -10.88 -11.00 23.56
C THR A 267 -9.37 -11.24 23.54
N CYS A 268 -8.65 -10.50 24.39
CA CYS A 268 -7.23 -10.71 24.61
C CYS A 268 -7.04 -11.19 26.05
N ARG A 269 -6.11 -12.11 26.26
CA ARG A 269 -5.83 -12.67 27.57
C ARG A 269 -4.35 -12.53 27.89
N LEU A 270 -4.07 -12.14 29.13
CA LEU A 270 -2.71 -12.08 29.65
C LEU A 270 -2.44 -13.33 30.47
N PHE A 271 -1.38 -14.05 30.11
CA PHE A 271 -0.95 -15.26 30.80
C PHE A 271 0.37 -15.02 31.49
N ASP A 272 0.59 -15.71 32.61
CA ASP A 272 1.82 -15.61 33.38
C ASP A 272 2.56 -16.94 33.30
N LEU A 273 3.86 -16.88 33.03
CA LEU A 273 4.66 -18.11 32.92
C LEU A 273 4.80 -18.80 34.27
N ARG A 274 5.18 -18.04 35.30
CA ARG A 274 5.49 -18.65 36.58
C ARG A 274 4.24 -19.19 37.27
N ALA A 275 3.15 -18.40 37.30
CA ALA A 275 1.91 -18.89 37.86
C ALA A 275 1.28 -19.97 37.00
N ASP A 276 1.62 -20.01 35.71
CA ASP A 276 1.16 -21.00 34.74
C ASP A 276 -0.33 -20.87 34.46
N GLN A 277 -0.91 -19.68 34.60
CA GLN A 277 -2.34 -19.50 34.43
C GLN A 277 -2.63 -18.09 33.90
N GLU A 278 -3.92 -17.83 33.69
CA GLU A 278 -4.41 -16.54 33.23
C GLU A 278 -4.42 -15.55 34.39
N LEU A 279 -4.05 -14.29 34.11
CA LEU A 279 -4.19 -13.22 35.10
C LEU A 279 -5.38 -12.33 34.80
N MET A 280 -5.57 -11.96 33.53
CA MET A 280 -6.54 -10.94 33.16
C MET A 280 -7.02 -11.19 31.74
N THR A 281 -8.28 -10.83 31.48
CA THR A 281 -8.89 -10.92 30.16
C THR A 281 -9.41 -9.54 29.75
N TYR A 282 -9.14 -9.16 28.52
CA TYR A 282 -9.49 -7.84 27.99
C TYR A 282 -10.61 -8.02 26.98
N SER A 283 -11.85 -7.95 27.47
CA SER A 283 -13.04 -8.16 26.65
C SER A 283 -14.03 -7.02 26.89
N HIS A 284 -14.69 -6.59 25.83
CA HIS A 284 -15.73 -5.58 25.88
C HIS A 284 -16.93 -6.05 25.07
N ASP A 285 -18.13 -5.85 25.60
CA ASP A 285 -19.33 -6.33 24.94
C ASP A 285 -19.58 -5.59 23.62
N ASN A 286 -19.08 -4.35 23.51
CA ASN A 286 -19.33 -3.56 22.31
C ASN A 286 -18.67 -4.19 21.08
N ILE A 287 -17.45 -4.68 21.24
CA ILE A 287 -16.64 -5.17 20.12
C ILE A 287 -16.83 -6.68 19.98
N ILE A 288 -17.05 -7.13 18.74
CA ILE A 288 -17.19 -8.55 18.42
C ILE A 288 -16.18 -9.01 17.39
N CYS A 289 -15.38 -8.10 16.83
CA CYS A 289 -14.43 -8.48 15.78
C CYS A 289 -13.19 -9.12 16.39
N GLY A 290 -12.56 -10.02 15.63
CA GLY A 290 -11.38 -10.70 16.12
C GLY A 290 -10.18 -9.77 16.18
N ILE A 291 -9.22 -10.14 17.03
CA ILE A 291 -8.00 -9.36 17.22
C ILE A 291 -6.97 -9.85 16.22
N THR A 292 -6.53 -8.95 15.34
CA THR A 292 -5.54 -9.31 14.33
C THR A 292 -4.13 -9.26 14.89
N SER A 293 -3.85 -8.35 15.82
CA SER A 293 -2.52 -8.11 16.34
C SER A 293 -2.61 -7.73 17.81
N VAL A 294 -1.52 -7.94 18.53
CA VAL A 294 -1.34 -7.40 19.88
C VAL A 294 0.08 -6.89 20.01
N SER A 295 0.26 -5.85 20.81
CA SER A 295 1.58 -5.32 21.12
C SER A 295 1.54 -4.70 22.51
N PHE A 296 2.71 -4.56 23.11
CA PHE A 296 2.87 -4.01 24.46
C PHE A 296 3.66 -2.72 24.38
N SER A 297 3.36 -1.79 25.28
CA SER A 297 4.17 -0.61 25.44
C SER A 297 5.48 -0.95 26.14
N LYS A 298 6.39 0.02 26.18
CA LYS A 298 7.70 -0.23 26.79
C LYS A 298 7.57 -0.53 28.27
N SER A 299 6.71 0.21 28.98
CA SER A 299 6.50 -0.07 30.39
C SER A 299 5.69 -1.34 30.58
N GLY A 300 4.90 -1.74 29.58
CA GLY A 300 3.97 -2.83 29.71
C GLY A 300 2.62 -2.45 30.26
N ARG A 301 2.43 -1.20 30.67
CA ARG A 301 1.14 -0.79 31.20
C ARG A 301 0.06 -0.79 30.12
N LEU A 302 0.44 -0.53 28.88
CA LEU A 302 -0.51 -0.44 27.75
C LEU A 302 -0.39 -1.66 26.86
N LEU A 303 -1.54 -2.24 26.52
CA LEU A 303 -1.67 -3.31 25.54
C LEU A 303 -2.41 -2.77 24.33
N LEU A 304 -1.75 -2.77 23.17
CA LEU A 304 -2.34 -2.27 21.93
C LEU A 304 -2.75 -3.46 21.07
N ALA A 305 -4.01 -3.48 20.67
CA ALA A 305 -4.59 -4.59 19.91
C ALA A 305 -5.19 -4.07 18.62
N GLY A 306 -4.98 -4.82 17.55
CA GLY A 306 -5.56 -4.53 16.25
C GLY A 306 -6.73 -5.43 15.95
N TYR A 307 -7.81 -4.87 15.40
CA TYR A 307 -9.06 -5.59 15.23
C TYR A 307 -9.45 -5.59 13.75
N ASP A 308 -10.39 -6.48 13.41
CA ASP A 308 -11.02 -6.44 12.10
C ASP A 308 -12.05 -5.32 12.00
N ASP A 309 -12.35 -4.64 13.11
CA ASP A 309 -13.28 -3.51 13.09
C ASP A 309 -12.60 -2.21 12.68
N PHE A 310 -11.46 -2.28 11.98
CA PHE A 310 -10.85 -1.15 11.27
C PHE A 310 -10.25 -0.15 12.26
N ASN A 311 -10.07 -0.56 13.51
CA ASN A 311 -9.56 0.33 14.55
C ASN A 311 -8.76 -0.47 15.57
N CYS A 312 -7.90 0.23 16.29
CA CYS A 312 -7.08 -0.36 17.35
C CYS A 312 -7.49 0.24 18.69
N ASN A 313 -7.62 -0.61 19.70
CA ASN A 313 -7.99 -0.20 21.05
C ASN A 313 -6.78 -0.33 21.97
N VAL A 314 -6.61 0.66 22.84
CA VAL A 314 -5.54 0.69 23.83
C VAL A 314 -6.13 0.33 25.18
N TRP A 315 -5.54 -0.68 25.82
CA TRP A 315 -6.04 -1.22 27.08
C TRP A 315 -5.07 -0.92 28.21
N ASP A 316 -5.61 -0.63 29.39
CA ASP A 316 -4.79 -0.65 30.60
C ASP A 316 -4.49 -2.11 30.93
N ALA A 317 -3.21 -2.49 30.84
CA ALA A 317 -2.84 -3.88 31.03
C ALA A 317 -3.15 -4.34 32.45
N LEU A 318 -3.00 -3.46 33.44
CA LEU A 318 -3.23 -3.87 34.83
C LEU A 318 -4.72 -3.92 35.16
N LYS A 319 -5.49 -2.93 34.72
CA LYS A 319 -6.90 -2.81 35.08
C LYS A 319 -7.85 -3.29 33.98
N ALA A 320 -7.36 -3.52 32.76
CA ALA A 320 -8.19 -4.00 31.67
C ALA A 320 -9.33 -3.05 31.36
N ASP A 321 -9.04 -1.74 31.42
CA ASP A 321 -9.99 -0.69 31.05
C ASP A 321 -9.47 0.00 29.79
N ARG A 322 -10.35 0.16 28.80
CA ARG A 322 -9.94 0.77 27.54
C ARG A 322 -9.60 2.23 27.78
N ALA A 323 -8.39 2.63 27.37
CA ALA A 323 -7.89 3.97 27.59
C ALA A 323 -7.91 4.84 26.34
N GLY A 324 -8.13 4.27 25.16
CA GLY A 324 -8.15 5.05 23.94
C GLY A 324 -8.44 4.18 22.74
N VAL A 325 -8.55 4.84 21.59
CA VAL A 325 -8.79 4.18 20.33
C VAL A 325 -7.98 4.89 19.25
N LEU A 326 -7.39 4.10 18.34
CA LEU A 326 -6.66 4.61 17.20
C LEU A 326 -7.44 4.23 15.94
N ALA A 327 -8.07 5.23 15.32
CA ALA A 327 -8.96 5.00 14.17
C ALA A 327 -8.56 5.95 13.05
N GLY A 328 -7.83 5.43 12.07
CA GLY A 328 -7.52 6.17 10.87
C GLY A 328 -7.50 5.32 9.61
N HIS A 329 -7.77 4.03 9.72
CA HIS A 329 -7.60 3.07 8.64
C HIS A 329 -8.95 2.77 8.00
N ASP A 330 -8.97 2.76 6.66
CA ASP A 330 -10.21 2.51 5.94
C ASP A 330 -10.54 1.02 5.88
N ASN A 331 -9.58 0.16 6.23
CA ASN A 331 -9.77 -1.28 6.22
C ASN A 331 -9.17 -1.87 7.49
N ARG A 332 -9.20 -3.20 7.58
CA ARG A 332 -8.74 -3.88 8.79
C ARG A 332 -7.23 -3.68 8.96
N VAL A 333 -6.78 -3.80 10.21
CA VAL A 333 -5.37 -3.60 10.55
C VAL A 333 -4.68 -4.96 10.55
N SER A 334 -3.74 -5.14 9.62
CA SER A 334 -3.07 -6.42 9.47
C SER A 334 -2.00 -6.63 10.54
N CYS A 335 -1.32 -5.56 10.94
CA CYS A 335 -0.13 -5.64 11.75
C CYS A 335 -0.02 -4.43 12.66
N LEU A 336 0.68 -4.61 13.78
CA LEU A 336 0.85 -3.58 14.79
C LEU A 336 2.21 -3.77 15.44
N GLY A 337 2.98 -2.69 15.54
CA GLY A 337 4.31 -2.76 16.09
C GLY A 337 4.63 -1.51 16.89
N VAL A 338 5.28 -1.73 18.04
CA VAL A 338 5.72 -0.67 18.93
C VAL A 338 7.24 -0.60 18.84
N THR A 339 7.76 0.63 18.78
CA THR A 339 9.19 0.83 18.60
C THR A 339 9.97 0.32 19.80
N ASP A 340 11.24 0.00 19.57
CA ASP A 340 12.09 -0.50 20.64
C ASP A 340 12.26 0.53 21.75
N ASP A 341 12.52 1.79 21.39
CA ASP A 341 12.57 2.84 22.40
C ASP A 341 11.18 3.16 22.94
N GLY A 342 10.14 2.76 22.22
CA GLY A 342 8.77 3.00 22.65
C GLY A 342 8.21 4.34 22.27
N MET A 343 8.87 5.06 21.35
CA MET A 343 8.40 6.39 20.98
C MET A 343 7.12 6.33 20.17
N ALA A 344 7.01 5.37 19.25
CA ALA A 344 5.98 5.36 18.22
C ALA A 344 5.37 3.99 18.08
N VAL A 345 4.15 3.98 17.53
CA VAL A 345 3.42 2.77 17.17
C VAL A 345 3.13 2.84 15.68
N ALA A 346 3.43 1.77 14.95
CA ALA A 346 3.15 1.66 13.54
C ALA A 346 2.06 0.62 13.33
N THR A 347 1.06 0.96 12.54
CA THR A 347 -0.05 0.08 12.21
C THR A 347 -0.21 0.02 10.70
N GLY A 348 -0.16 -1.19 10.16
CA GLY A 348 -0.46 -1.41 8.75
C GLY A 348 -1.90 -1.87 8.63
N SER A 349 -2.43 -1.82 7.41
CA SER A 349 -3.82 -2.17 7.17
C SER A 349 -4.01 -2.59 5.72
N TRP A 350 -5.20 -3.13 5.44
CA TRP A 350 -5.51 -3.62 4.10
C TRP A 350 -5.80 -2.50 3.12
N ASP A 351 -5.89 -1.25 3.58
CA ASP A 351 -6.05 -0.14 2.64
C ASP A 351 -4.71 0.34 2.08
N SER A 352 -3.63 -0.42 2.33
CA SER A 352 -2.31 -0.12 1.69
C SER A 352 -1.61 1.13 2.25
N PHE A 353 -1.84 1.50 3.53
CA PHE A 353 -1.12 2.60 4.16
C PHE A 353 -0.71 2.20 5.57
N LEU A 354 0.50 2.59 5.95
CA LEU A 354 0.99 2.44 7.33
C LEU A 354 1.00 3.81 7.98
N LYS A 355 0.59 3.86 9.24
CA LYS A 355 0.49 5.11 9.99
C LYS A 355 1.32 4.99 11.26
N ILE A 356 2.19 5.97 11.50
CA ILE A 356 2.97 6.07 12.72
C ILE A 356 2.19 6.93 13.71
N TRP A 357 1.95 6.39 14.89
CA TRP A 357 1.18 7.05 15.94
C TRP A 357 2.13 7.38 17.08
N ASN A 358 1.87 8.50 17.77
CA ASN A 358 2.75 8.93 18.89
C ASN A 358 1.89 9.50 20.02
N ALA B 12 -0.42 -40.67 21.03
CA ALA B 12 -1.19 -41.17 22.17
C ALA B 12 -0.30 -41.28 23.41
N ARG B 13 0.68 -42.18 23.34
CA ARG B 13 1.62 -42.34 24.46
C ARG B 13 2.47 -41.09 24.63
N LYS B 14 2.80 -40.40 23.53
CA LYS B 14 3.59 -39.19 23.62
C LYS B 14 2.83 -38.09 24.37
N LEU B 15 1.51 -38.02 24.17
CA LEU B 15 0.71 -37.02 24.85
C LEU B 15 0.75 -37.21 26.36
N VAL B 16 0.72 -38.46 26.82
CA VAL B 16 0.79 -38.73 28.25
C VAL B 16 2.14 -38.29 28.82
N GLU B 17 3.22 -38.59 28.09
CA GLU B 17 4.55 -38.26 28.59
C GLU B 17 4.75 -36.76 28.74
N GLN B 18 4.30 -35.98 27.75
CA GLN B 18 4.43 -34.54 27.84
C GLN B 18 3.57 -33.97 28.97
N LEU B 19 2.36 -34.51 29.14
CA LEU B 19 1.46 -34.01 30.17
C LEU B 19 2.05 -34.22 31.56
N LYS B 20 2.71 -35.35 31.79
CA LYS B 20 3.34 -35.60 33.08
C LYS B 20 4.46 -34.59 33.34
N MET B 21 5.27 -34.29 32.33
CA MET B 21 6.36 -33.33 32.50
C MET B 21 5.83 -31.94 32.80
N GLU B 22 4.75 -31.55 32.12
CA GLU B 22 4.16 -30.23 32.36
C GLU B 22 3.57 -30.13 33.76
N ALA B 23 3.10 -31.26 34.30
CA ALA B 23 2.45 -31.24 35.61
C ALA B 23 3.39 -30.80 36.71
N ASN B 24 4.63 -31.29 36.69
CA ASN B 24 5.63 -30.98 37.71
C ASN B 24 6.38 -29.72 37.28
N ILE B 25 6.05 -28.60 37.91
CA ILE B 25 6.71 -27.32 37.63
C ILE B 25 6.58 -26.45 38.87
N ASP B 26 7.65 -25.72 39.17
CA ASP B 26 7.62 -24.80 40.30
C ASP B 26 6.66 -23.65 40.02
N ARG B 27 5.58 -23.59 40.80
CA ARG B 27 4.52 -22.61 40.61
C ARG B 27 4.52 -21.61 41.75
N ILE B 28 4.37 -20.34 41.40
CA ILE B 28 4.41 -19.23 42.36
C ILE B 28 3.00 -18.69 42.53
N LYS B 29 2.80 -17.94 43.60
CA LYS B 29 1.48 -17.37 43.89
C LYS B 29 1.09 -16.34 42.83
N VAL B 30 -0.20 -16.35 42.49
CA VAL B 30 -0.71 -15.37 41.52
C VAL B 30 -0.58 -13.96 42.08
N SER B 31 -0.76 -13.82 43.40
CA SER B 31 -0.56 -12.51 44.02
C SER B 31 0.88 -12.04 43.86
N LYS B 32 1.84 -12.94 44.04
CA LYS B 32 3.24 -12.57 43.86
C LYS B 32 3.53 -12.20 42.41
N ALA B 33 2.97 -12.95 41.46
CA ALA B 33 3.18 -12.64 40.06
C ALA B 33 2.59 -11.28 39.70
N ALA B 34 1.38 -10.98 40.19
CA ALA B 34 0.78 -9.69 39.94
C ALA B 34 1.59 -8.57 40.58
N ALA B 35 2.12 -8.80 41.78
CA ALA B 35 2.95 -7.80 42.43
C ALA B 35 4.22 -7.52 41.61
N ASP B 36 4.85 -8.57 41.09
CA ASP B 36 6.04 -8.37 40.26
C ASP B 36 5.71 -7.60 39.00
N LEU B 37 4.59 -7.93 38.35
CA LEU B 37 4.20 -7.23 37.13
C LEU B 37 3.92 -5.75 37.41
N MET B 38 3.16 -5.48 38.47
CA MET B 38 2.87 -4.08 38.84
C MET B 38 4.21 -3.37 39.12
N ALA B 39 5.09 -4.01 39.89
CA ALA B 39 6.36 -3.37 40.25
C ALA B 39 7.15 -2.99 39.00
N TYR B 40 7.21 -3.88 38.01
CA TYR B 40 7.90 -3.56 36.77
C TYR B 40 7.24 -2.38 36.07
N CYS B 41 5.91 -2.38 36.00
CA CYS B 41 5.22 -1.29 35.31
C CYS B 41 5.44 0.04 36.02
N GLU B 42 5.42 0.05 37.36
CA GLU B 42 5.70 1.28 38.09
C GLU B 42 7.13 1.74 37.90
N ALA B 43 8.09 0.80 37.92
CA ALA B 43 9.49 1.17 37.81
C ALA B 43 9.79 1.79 36.46
N HIS B 44 9.25 1.21 35.38
CA HIS B 44 9.52 1.69 34.03
C HIS B 44 8.44 2.62 33.49
N ALA B 45 7.54 3.11 34.34
CA ALA B 45 6.50 4.03 33.86
C ALA B 45 7.10 5.32 33.34
N LYS B 46 8.13 5.84 34.03
CA LYS B 46 8.72 7.12 33.63
C LYS B 46 9.40 7.01 32.27
N GLU B 47 10.02 5.86 31.98
CA GLU B 47 10.74 5.72 30.72
C GLU B 47 9.79 5.66 29.54
N ASP B 48 8.55 5.27 29.76
CA ASP B 48 7.60 5.06 28.66
C ASP B 48 7.19 6.40 28.05
N PRO B 49 7.39 6.61 26.74
CA PRO B 49 6.88 7.86 26.15
C PRO B 49 5.38 7.84 25.89
N LEU B 50 4.80 6.68 25.59
CA LEU B 50 3.39 6.64 25.19
C LEU B 50 2.48 6.96 26.38
N LEU B 51 2.86 6.53 27.60
CA LEU B 51 2.04 6.81 28.76
C LEU B 51 1.92 8.30 29.02
N THR B 52 3.05 8.98 29.17
CA THR B 52 3.12 10.40 29.46
C THR B 52 3.66 11.10 28.23
N PRO B 53 2.89 12.00 27.59
CA PRO B 53 3.33 12.52 26.28
C PRO B 53 4.62 13.33 26.41
N VAL B 54 5.57 13.03 25.53
CA VAL B 54 6.90 13.61 25.58
C VAL B 54 6.82 15.06 25.13
N PRO B 55 7.69 15.97 25.61
CA PRO B 55 7.73 17.31 25.03
C PRO B 55 8.06 17.27 23.53
N ALA B 56 7.48 18.22 22.79
CA ALA B 56 7.57 18.18 21.34
C ALA B 56 9.02 18.30 20.86
N SER B 57 9.87 18.98 21.63
CA SER B 57 11.27 19.08 21.26
C SER B 57 11.95 17.71 21.29
N GLU B 58 11.63 16.89 22.28
CA GLU B 58 12.25 15.57 22.39
C GLU B 58 11.72 14.60 21.34
N ASN B 59 10.56 14.89 20.77
CA ASN B 59 9.92 13.93 19.88
C ASN B 59 10.59 13.94 18.51
N PRO B 60 11.17 12.82 18.06
CA PRO B 60 11.61 12.78 16.65
C PRO B 60 10.47 12.89 15.66
N PHE B 61 9.29 12.39 16.02
CA PHE B 61 8.10 12.51 15.17
C PHE B 61 7.31 13.75 15.53
N LEU C 79 -42.14 34.83 -3.92
CA LEU C 79 -41.99 34.61 -5.36
C LEU C 79 -41.51 33.20 -5.63
N LEU C 80 -41.83 32.68 -6.82
CA LEU C 80 -41.45 31.31 -7.18
C LEU C 80 -39.97 31.19 -7.48
N THR C 81 -39.31 32.29 -7.86
CA THR C 81 -37.88 32.22 -8.19
C THR C 81 -37.02 32.07 -6.95
N ALA C 82 -37.49 32.50 -5.78
CA ALA C 82 -36.71 32.34 -4.55
C ALA C 82 -36.67 30.89 -4.10
N VAL C 83 -37.64 30.06 -4.50
CA VAL C 83 -37.62 28.65 -4.15
C VAL C 83 -36.50 27.94 -4.91
N VAL C 84 -36.25 28.34 -6.16
CA VAL C 84 -35.29 27.62 -6.98
C VAL C 84 -33.88 27.81 -6.46
N ILE C 85 -33.56 29.02 -5.97
CA ILE C 85 -32.23 29.25 -5.42
C ILE C 85 -32.03 28.44 -4.15
N ILE C 86 -33.08 28.37 -3.31
CA ILE C 86 -33.01 27.58 -2.09
C ILE C 86 -32.77 26.11 -2.42
N LEU C 87 -33.52 25.58 -3.39
CA LEU C 87 -33.36 24.18 -3.74
C LEU C 87 -32.00 23.92 -4.36
N THR C 88 -31.48 24.85 -5.17
CA THR C 88 -30.18 24.67 -5.79
C THR C 88 -29.09 24.56 -4.73
N ILE C 89 -29.05 25.53 -3.81
CA ILE C 89 -27.99 25.51 -2.81
C ILE C 89 -28.17 24.33 -1.85
N ALA C 90 -29.41 23.98 -1.52
CA ALA C 90 -29.63 22.85 -0.62
C ALA C 90 -29.16 21.54 -1.26
N GLY C 91 -29.52 21.32 -2.53
CA GLY C 91 -29.09 20.11 -3.20
C GLY C 91 -27.59 20.02 -3.35
N ASN C 92 -26.94 21.14 -3.66
CA ASN C 92 -25.49 21.07 -3.87
C ASN C 92 -24.72 20.95 -2.55
N ILE C 93 -25.19 21.58 -1.46
CA ILE C 93 -24.63 21.28 -0.14
C ILE C 93 -24.80 19.81 0.20
N LEU C 94 -25.99 19.25 -0.02
CA LEU C 94 -26.19 17.85 0.34
C LEU C 94 -25.30 16.94 -0.47
N VAL C 95 -25.13 17.21 -1.77
CA VAL C 95 -24.26 16.37 -2.59
C VAL C 95 -22.81 16.53 -2.15
N ILE C 96 -22.38 17.76 -1.86
CA ILE C 96 -20.99 17.97 -1.48
C ILE C 96 -20.66 17.25 -0.18
N MET C 97 -21.55 17.34 0.81
CA MET C 97 -21.30 16.62 2.05
C MET C 97 -21.40 15.11 1.87
N ALA C 98 -22.28 14.65 0.98
CA ALA C 98 -22.39 13.21 0.76
C ALA C 98 -21.12 12.64 0.14
N VAL C 99 -20.51 13.36 -0.80
CA VAL C 99 -19.25 12.90 -1.37
C VAL C 99 -18.11 13.02 -0.37
N SER C 100 -18.02 14.14 0.34
CA SER C 100 -16.84 14.39 1.17
C SER C 100 -16.84 13.58 2.46
N LEU C 101 -18.00 13.39 3.09
CA LEU C 101 -18.10 12.78 4.41
C LEU C 101 -18.51 11.31 4.35
N GLU C 102 -18.44 10.67 3.19
CA GLU C 102 -18.71 9.24 3.03
C GLU C 102 -17.48 8.56 2.48
N LYS C 103 -17.12 7.43 3.08
CA LYS C 103 -15.91 6.71 2.70
C LYS C 103 -16.10 5.80 1.50
N LYS C 104 -17.34 5.41 1.20
CA LYS C 104 -17.62 4.42 0.16
C LYS C 104 -17.89 5.05 -1.19
N LEU C 105 -18.31 6.32 -1.22
CA LEU C 105 -18.66 7.00 -2.45
C LEU C 105 -17.48 7.64 -3.16
N GLN C 106 -16.30 7.64 -2.55
CA GLN C 106 -15.14 8.35 -3.10
C GLN C 106 -14.52 7.52 -4.22
N ASN C 107 -14.92 7.82 -5.45
CA ASN C 107 -14.30 7.23 -6.63
C ASN C 107 -14.29 8.30 -7.73
N ALA C 108 -13.93 7.90 -8.94
CA ALA C 108 -13.79 8.87 -10.03
C ALA C 108 -15.13 9.48 -10.42
N THR C 109 -16.17 8.64 -10.55
CA THR C 109 -17.46 9.14 -11.03
C THR C 109 -18.06 10.15 -10.06
N ASN C 110 -17.99 9.87 -8.76
CA ASN C 110 -18.52 10.82 -7.80
C ASN C 110 -17.65 12.08 -7.69
N TYR C 111 -16.37 12.01 -8.05
CA TYR C 111 -15.58 13.23 -8.12
C TYR C 111 -16.00 14.09 -9.30
N PHE C 112 -16.27 13.48 -10.45
CA PHE C 112 -16.82 14.26 -11.57
C PHE C 112 -18.18 14.84 -11.19
N LEU C 113 -19.02 14.07 -10.50
CA LEU C 113 -20.31 14.58 -10.05
C LEU C 113 -20.14 15.70 -9.04
N MET C 114 -19.11 15.63 -8.19
CA MET C 114 -18.81 16.71 -7.27
C MET C 114 -18.41 17.97 -8.01
N SER C 115 -17.60 17.84 -9.06
CA SER C 115 -17.23 19.00 -9.86
C SER C 115 -18.46 19.62 -10.51
N LEU C 116 -19.37 18.78 -11.01
CA LEU C 116 -20.63 19.28 -11.57
C LEU C 116 -21.42 20.03 -10.52
N ALA C 117 -21.53 19.46 -9.32
CA ALA C 117 -22.24 20.13 -8.24
C ALA C 117 -21.58 21.45 -7.86
N ILE C 118 -20.25 21.51 -7.93
CA ILE C 118 -19.54 22.75 -7.65
C ILE C 118 -19.92 23.82 -8.68
N ALA C 119 -19.96 23.44 -9.96
CA ALA C 119 -20.36 24.38 -11.00
C ALA C 119 -21.79 24.86 -10.80
N ASP C 120 -22.69 23.93 -10.46
CA ASP C 120 -24.08 24.32 -10.26
C ASP C 120 -24.25 25.20 -9.03
N MET C 121 -23.49 24.94 -7.96
CA MET C 121 -23.48 25.84 -6.83
C MET C 121 -22.99 27.22 -7.19
N LEU C 122 -21.89 27.30 -7.95
CA LEU C 122 -21.36 28.61 -8.29
C LEU C 122 -22.38 29.39 -9.11
N LEU C 123 -23.06 28.72 -10.03
CA LEU C 123 -24.14 29.36 -10.77
C LEU C 123 -25.25 29.83 -9.83
N GLY C 124 -25.76 28.93 -9.00
CA GLY C 124 -26.91 29.25 -8.18
C GLY C 124 -26.62 30.19 -7.04
N PHE C 125 -25.35 30.45 -6.74
CA PHE C 125 -24.93 31.40 -5.73
C PHE C 125 -24.61 32.77 -6.32
N LEU C 126 -23.86 32.82 -7.43
CA LEU C 126 -23.39 34.08 -7.96
C LEU C 126 -24.33 34.70 -9.00
N VAL C 127 -25.15 33.89 -9.66
CA VAL C 127 -25.93 34.33 -10.83
C VAL C 127 -27.41 34.48 -10.48
N MET C 128 -28.04 33.43 -10.00
CA MET C 128 -29.49 33.43 -9.85
C MET C 128 -30.04 34.50 -8.90
N PRO C 129 -29.46 34.78 -7.73
CA PRO C 129 -29.99 35.91 -6.94
C PRO C 129 -29.86 37.25 -7.66
N VAL C 130 -28.83 37.43 -8.49
CA VAL C 130 -28.74 38.65 -9.28
C VAL C 130 -29.88 38.73 -10.28
N SER C 131 -30.23 37.60 -10.91
CA SER C 131 -31.37 37.58 -11.81
C SER C 131 -32.68 37.83 -11.06
N MET C 132 -32.80 37.35 -9.82
CA MET C 132 -33.98 37.64 -9.04
C MET C 132 -34.07 39.13 -8.71
N LEU C 133 -32.94 39.76 -8.42
CA LEU C 133 -32.94 41.20 -8.21
C LEU C 133 -33.31 41.94 -9.48
N THR C 134 -32.89 41.42 -10.64
CA THR C 134 -33.32 41.99 -11.91
C THR C 134 -34.84 41.86 -12.07
N ILE C 135 -35.40 40.73 -11.66
CA ILE C 135 -36.83 40.53 -11.74
C ILE C 135 -37.55 41.55 -10.86
N LEU C 136 -37.02 41.79 -9.66
CA LEU C 136 -37.69 42.68 -8.72
C LEU C 136 -37.54 44.15 -9.11
N TYR C 137 -36.49 44.51 -9.83
CA TYR C 137 -36.15 45.91 -10.09
C TYR C 137 -36.75 46.47 -11.38
N GLY C 138 -37.58 45.70 -12.08
CA GLY C 138 -38.19 46.20 -13.29
C GLY C 138 -37.26 46.25 -14.49
N TYR C 139 -36.20 45.45 -14.50
CA TYR C 139 -35.27 45.24 -15.61
C TYR C 139 -34.40 46.45 -15.93
N ARG C 140 -34.52 47.54 -15.19
CA ARG C 140 -33.41 48.48 -15.10
C ARG C 140 -32.37 47.85 -14.18
N TRP C 141 -31.10 48.05 -14.51
CA TRP C 141 -29.96 47.42 -13.85
C TRP C 141 -29.49 48.19 -12.61
N PRO C 142 -29.80 47.74 -11.38
CA PRO C 142 -29.26 48.47 -10.22
C PRO C 142 -27.76 48.35 -10.12
N LEU C 143 -27.25 47.19 -10.50
CA LEU C 143 -25.85 46.85 -10.38
C LEU C 143 -25.02 47.73 -11.32
N PRO C 144 -23.69 47.83 -11.10
CA PRO C 144 -22.81 48.56 -12.01
C PRO C 144 -22.91 47.96 -13.42
N SER C 145 -22.81 48.80 -14.45
CA SER C 145 -22.86 48.36 -15.84
C SER C 145 -21.72 47.40 -16.18
N LYS C 146 -20.51 47.72 -15.72
CA LYS C 146 -19.36 46.85 -15.98
C LYS C 146 -19.57 45.49 -15.35
N LEU C 147 -20.27 45.46 -14.20
CA LEU C 147 -20.53 44.20 -13.53
C LEU C 147 -21.50 43.32 -14.33
N CYS C 148 -22.30 43.90 -15.23
CA CYS C 148 -23.18 43.07 -16.03
C CYS C 148 -22.40 42.22 -17.02
N ALA C 149 -21.36 42.80 -17.63
CA ALA C 149 -20.60 42.03 -18.62
C ALA C 149 -19.95 40.82 -17.97
N VAL C 150 -19.34 41.00 -16.79
CA VAL C 150 -18.77 39.85 -16.10
C VAL C 150 -19.87 38.92 -15.60
N TRP C 151 -21.06 39.47 -15.32
CA TRP C 151 -22.18 38.62 -14.95
C TRP C 151 -22.57 37.68 -16.09
N ILE C 152 -22.69 38.22 -17.31
CA ILE C 152 -22.96 37.40 -18.48
C ILE C 152 -21.83 36.40 -18.70
N TYR C 153 -20.59 36.83 -18.43
CA TYR C 153 -19.46 35.92 -18.49
C TYR C 153 -19.63 34.74 -17.56
N LEU C 154 -20.04 35.00 -16.31
CA LEU C 154 -20.21 33.93 -15.34
C LEU C 154 -21.39 33.04 -15.72
N ASP C 155 -22.46 33.65 -16.22
CA ASP C 155 -23.61 32.88 -16.71
C ASP C 155 -23.19 31.90 -17.79
N VAL C 156 -22.52 32.40 -18.84
CA VAL C 156 -22.16 31.53 -19.96
C VAL C 156 -21.14 30.50 -19.51
N LEU C 157 -20.19 30.92 -18.64
CA LEU C 157 -19.15 30.02 -18.15
C LEU C 157 -19.75 28.84 -17.41
N PHE C 158 -20.62 29.13 -16.43
CA PHE C 158 -21.15 28.06 -15.59
C PHE C 158 -22.18 27.22 -16.34
N SER C 159 -22.97 27.84 -17.22
CA SER C 159 -23.93 27.07 -18.00
C SER C 159 -23.22 26.11 -18.95
N THR C 160 -22.18 26.58 -19.65
CA THR C 160 -21.42 25.69 -20.51
C THR C 160 -20.71 24.62 -19.69
N ALA C 161 -20.18 24.98 -18.51
CA ALA C 161 -19.53 23.98 -17.69
C ALA C 161 -20.49 22.87 -17.31
N SER C 162 -21.72 23.24 -16.91
CA SER C 162 -22.72 22.23 -16.59
C SER C 162 -23.08 21.38 -17.82
N ILE C 163 -23.24 22.02 -18.98
CA ILE C 163 -23.70 21.30 -20.16
C ILE C 163 -22.67 20.28 -20.60
N MET C 164 -21.40 20.67 -20.70
CA MET C 164 -20.39 19.68 -21.09
C MET C 164 -20.02 18.73 -19.96
N HIS C 165 -20.31 19.06 -18.70
CA HIS C 165 -20.23 18.06 -17.65
C HIS C 165 -21.25 16.95 -17.89
N LEU C 166 -22.49 17.32 -18.22
CA LEU C 166 -23.49 16.30 -18.54
C LEU C 166 -23.12 15.52 -19.79
N CYS C 167 -22.57 16.19 -20.79
CA CYS C 167 -22.16 15.49 -22.01
C CYS C 167 -21.05 14.48 -21.73
N ALA C 168 -20.06 14.88 -20.92
CA ALA C 168 -18.99 13.95 -20.57
C ALA C 168 -19.51 12.80 -19.71
N ILE C 169 -20.48 13.07 -18.83
CA ILE C 169 -21.09 11.99 -18.05
C ILE C 169 -21.76 10.99 -18.99
N SER C 170 -22.49 11.47 -19.99
CA SER C 170 -23.16 10.58 -20.93
C SER C 170 -22.15 9.77 -21.73
N LEU C 171 -21.07 10.42 -22.19
CA LEU C 171 -20.05 9.69 -22.95
C LEU C 171 -19.39 8.62 -22.09
N ASP C 172 -19.09 8.95 -20.83
CA ASP C 172 -18.47 7.98 -19.94
C ASP C 172 -19.41 6.82 -19.66
N ARG C 173 -20.71 7.10 -19.51
CA ARG C 173 -21.68 6.03 -19.31
C ARG C 173 -21.72 5.10 -20.51
N TYR C 174 -21.73 5.66 -21.72
CA TYR C 174 -21.76 4.82 -22.91
C TYR C 174 -20.50 3.97 -23.02
N VAL C 175 -19.33 4.55 -22.75
CA VAL C 175 -18.10 3.78 -22.84
C VAL C 175 -18.05 2.69 -21.78
N ALA C 176 -18.56 2.98 -20.58
CA ALA C 176 -18.55 2.00 -19.51
C ALA C 176 -19.60 0.91 -19.70
N ILE C 177 -20.64 1.17 -20.48
CA ILE C 177 -21.70 0.19 -20.68
C ILE C 177 -21.44 -0.68 -21.91
N GLN C 178 -20.89 -0.10 -22.97
CA GLN C 178 -20.69 -0.87 -24.20
C GLN C 178 -19.66 -1.97 -24.01
N ASN C 179 -18.47 -1.62 -23.49
CA ASN C 179 -17.36 -2.56 -23.33
C ASN C 179 -16.79 -2.42 -21.92
N PRO C 180 -17.44 -3.03 -20.91
CA PRO C 180 -17.00 -2.80 -19.52
C PRO C 180 -15.62 -3.34 -19.20
N ILE C 181 -15.14 -4.36 -19.92
CA ILE C 181 -13.80 -4.87 -19.65
C ILE C 181 -12.74 -3.84 -20.01
N HIS C 182 -12.88 -3.22 -21.18
CA HIS C 182 -11.90 -2.23 -21.62
C HIS C 182 -12.03 -0.90 -20.89
N HIS C 183 -13.18 -0.65 -20.25
CA HIS C 183 -13.33 0.58 -19.48
C HIS C 183 -12.58 0.50 -18.16
N SER C 184 -12.49 -0.69 -17.56
CA SER C 184 -11.80 -0.84 -16.29
C SER C 184 -10.29 -0.85 -16.42
N ARG C 185 -9.75 -1.01 -17.64
CA ARG C 185 -8.31 -0.99 -17.81
C ARG C 185 -7.74 0.41 -17.65
N PHE C 186 -8.54 1.44 -17.89
CA PHE C 186 -8.12 2.84 -17.81
C PHE C 186 -9.14 3.66 -17.03
N ASN C 187 -9.54 3.15 -15.86
CA ASN C 187 -10.56 3.78 -15.01
C ASN C 187 -9.96 4.34 -13.73
N SER C 188 -8.74 4.88 -13.81
CA SER C 188 -8.10 5.46 -12.64
C SER C 188 -8.60 6.88 -12.41
N ARG C 189 -8.00 7.56 -11.43
CA ARG C 189 -8.35 8.95 -11.16
C ARG C 189 -7.72 9.93 -12.15
N THR C 190 -6.66 9.51 -12.84
CA THR C 190 -6.05 10.39 -13.83
C THR C 190 -7.00 10.68 -14.97
N LYS C 191 -7.78 9.68 -15.39
CA LYS C 191 -8.78 9.90 -16.42
C LYS C 191 -9.82 10.92 -15.98
N ALA C 192 -10.28 10.82 -14.72
CA ALA C 192 -11.28 11.75 -14.24
C ALA C 192 -10.70 13.16 -14.12
N PHE C 193 -9.46 13.29 -13.66
CA PHE C 193 -8.84 14.61 -13.59
C PHE C 193 -8.68 15.20 -14.98
N LEU C 194 -8.29 14.38 -15.95
CA LEU C 194 -8.17 14.87 -17.32
C LEU C 194 -9.53 15.29 -17.87
N LYS C 195 -10.59 14.55 -17.56
CA LYS C 195 -11.92 14.93 -18.02
C LYS C 195 -12.38 16.24 -17.39
N ILE C 196 -12.14 16.41 -16.10
CA ILE C 196 -12.51 17.65 -15.43
C ILE C 196 -11.75 18.82 -16.04
N ILE C 197 -10.44 18.64 -16.26
CA ILE C 197 -9.62 19.68 -16.85
C ILE C 197 -10.13 20.00 -18.25
N ALA C 198 -10.49 18.98 -19.03
CA ALA C 198 -10.93 19.19 -20.40
C ALA C 198 -12.24 19.96 -20.43
N VAL C 199 -13.21 19.58 -19.61
CA VAL C 199 -14.51 20.26 -19.67
C VAL C 199 -14.39 21.69 -19.17
N TRP C 200 -13.59 21.93 -18.12
CA TRP C 200 -13.46 23.29 -17.63
C TRP C 200 -12.66 24.16 -18.60
N THR C 201 -11.63 23.60 -19.24
CA THR C 201 -10.89 24.36 -20.25
C THR C 201 -11.78 24.68 -21.45
N ILE C 202 -12.61 23.73 -21.87
CA ILE C 202 -13.50 23.97 -22.99
C ILE C 202 -14.50 25.06 -22.65
N SER C 203 -15.08 25.01 -21.45
CA SER C 203 -16.04 26.03 -21.05
C SER C 203 -15.38 27.40 -20.93
N VAL C 204 -14.16 27.45 -20.40
CA VAL C 204 -13.45 28.72 -20.29
C VAL C 204 -13.15 29.28 -21.67
N GLY C 205 -12.71 28.43 -22.59
CA GLY C 205 -12.44 28.90 -23.94
C GLY C 205 -13.66 29.36 -24.68
N ILE C 206 -14.80 28.69 -24.45
CA ILE C 206 -16.05 29.12 -25.08
C ILE C 206 -16.49 30.46 -24.50
N SER C 207 -16.36 30.63 -23.18
CA SER C 207 -16.80 31.84 -22.50
C SER C 207 -15.72 32.93 -22.48
N MET C 208 -14.67 32.79 -23.29
CA MET C 208 -13.54 33.72 -23.23
C MET C 208 -13.82 35.11 -23.80
N PRO C 209 -14.54 35.29 -24.91
CA PRO C 209 -14.65 36.64 -25.49
C PRO C 209 -15.56 37.62 -24.75
N ILE C 210 -16.47 37.16 -23.89
CA ILE C 210 -17.43 38.09 -23.27
C ILE C 210 -16.71 39.12 -22.40
N PRO C 211 -15.77 38.77 -21.51
CA PRO C 211 -15.06 39.82 -20.77
C PRO C 211 -14.27 40.77 -21.65
N VAL C 212 -13.60 40.26 -22.68
CA VAL C 212 -12.66 41.08 -23.43
C VAL C 212 -13.39 42.09 -24.31
N PHE C 213 -14.44 41.62 -25.02
CA PHE C 213 -15.18 42.53 -25.90
C PHE C 213 -16.31 43.27 -25.20
N GLY C 214 -16.88 42.72 -24.13
CA GLY C 214 -17.97 43.40 -23.47
C GLY C 214 -17.54 44.58 -22.63
N LEU C 215 -16.34 44.52 -22.07
CA LEU C 215 -15.87 45.62 -21.23
C LEU C 215 -15.41 46.82 -22.06
N GLN C 216 -14.90 46.57 -23.27
CA GLN C 216 -14.42 47.67 -24.09
C GLN C 216 -15.57 48.51 -24.65
N ASP C 217 -16.63 47.85 -25.12
CA ASP C 217 -17.80 48.51 -25.68
C ASP C 217 -19.02 48.09 -24.88
N ASP C 218 -19.67 49.06 -24.24
CA ASP C 218 -20.83 48.78 -23.42
C ASP C 218 -22.09 48.49 -24.25
N SER C 219 -22.09 48.86 -25.53
CA SER C 219 -23.25 48.63 -26.38
C SER C 219 -23.40 47.18 -26.81
N LYS C 220 -22.36 46.35 -26.64
CA LYS C 220 -22.44 44.95 -27.02
C LYS C 220 -23.15 44.08 -25.99
N VAL C 221 -23.39 44.60 -24.79
CA VAL C 221 -24.05 43.84 -23.71
C VAL C 221 -25.25 44.57 -23.13
N PHE C 222 -25.53 45.81 -23.56
CA PHE C 222 -26.66 46.60 -23.07
C PHE C 222 -27.60 46.93 -24.22
N LYS C 223 -28.90 47.06 -23.87
CA LYS C 223 -29.93 47.35 -24.86
C LYS C 223 -31.10 48.00 -24.10
N GLU C 224 -31.19 49.34 -24.20
CA GLU C 224 -32.31 50.09 -23.65
C GLU C 224 -32.49 49.84 -22.16
N GLY C 225 -31.39 49.83 -21.42
CA GLY C 225 -31.40 49.61 -19.98
C GLY C 225 -31.25 48.15 -19.59
N SER C 226 -31.98 47.27 -20.26
CA SER C 226 -31.79 45.85 -20.05
C SER C 226 -30.45 45.41 -20.63
N CYS C 227 -29.88 44.36 -20.04
CA CYS C 227 -28.51 43.92 -20.35
C CYS C 227 -28.59 42.48 -20.85
N LEU C 228 -28.24 42.27 -22.12
CA LEU C 228 -28.28 40.96 -22.74
C LEU C 228 -27.25 40.92 -23.85
N LEU C 229 -26.93 39.71 -24.29
CA LEU C 229 -25.92 39.53 -25.33
C LEU C 229 -26.45 40.06 -26.66
N ALA C 230 -25.95 41.21 -27.08
CA ALA C 230 -26.34 41.84 -28.34
C ALA C 230 -25.51 41.39 -29.52
N ASP C 231 -24.50 40.54 -29.31
CA ASP C 231 -23.68 40.03 -30.41
C ASP C 231 -24.40 38.87 -31.06
N ASP C 232 -24.93 39.10 -32.26
CA ASP C 232 -25.75 38.08 -32.92
C ASP C 232 -24.90 36.91 -33.39
N ASN C 233 -23.76 37.20 -34.04
CA ASN C 233 -22.91 36.12 -34.52
C ASN C 233 -22.32 35.32 -33.37
N PHE C 234 -21.93 36.00 -32.29
CA PHE C 234 -21.45 35.29 -31.11
C PHE C 234 -22.55 34.43 -30.51
N VAL C 235 -23.78 34.94 -30.50
CA VAL C 235 -24.89 34.14 -29.96
C VAL C 235 -25.09 32.89 -30.79
N LEU C 236 -25.08 33.02 -32.12
CA LEU C 236 -25.24 31.86 -32.99
C LEU C 236 -24.12 30.85 -32.77
N ILE C 237 -22.87 31.32 -32.73
CA ILE C 237 -21.74 30.40 -32.64
C ILE C 237 -21.72 29.72 -31.29
N GLY C 238 -21.94 30.48 -30.21
CA GLY C 238 -21.90 29.92 -28.87
C GLY C 238 -23.16 29.21 -28.43
N SER C 239 -24.21 29.23 -29.26
CA SER C 239 -25.35 28.35 -29.09
C SER C 239 -25.30 27.14 -30.01
N PHE C 240 -24.50 27.19 -31.07
CA PHE C 240 -24.31 26.03 -31.93
C PHE C 240 -23.18 25.13 -31.44
N VAL C 241 -22.17 25.69 -30.78
CA VAL C 241 -21.05 24.91 -30.28
C VAL C 241 -21.23 24.49 -28.82
N SER C 242 -22.28 24.97 -28.15
CA SER C 242 -22.51 24.68 -26.74
C SER C 242 -23.79 23.91 -26.46
N PHE C 243 -24.73 23.86 -27.42
CA PHE C 243 -25.96 23.10 -27.23
C PHE C 243 -26.44 22.35 -28.47
N PHE C 244 -25.80 22.49 -29.63
CA PHE C 244 -26.18 21.72 -30.81
C PHE C 244 -25.13 20.68 -31.20
N ILE C 245 -23.91 20.80 -30.69
CA ILE C 245 -22.98 19.67 -30.71
C ILE C 245 -23.27 18.76 -29.51
N PRO C 246 -23.39 19.28 -28.28
CA PRO C 246 -23.72 18.39 -27.16
C PRO C 246 -25.06 17.70 -27.27
N LEU C 247 -26.06 18.35 -27.88
CA LEU C 247 -27.36 17.69 -28.01
C LEU C 247 -27.27 16.48 -28.93
N THR C 248 -26.59 16.62 -30.07
CA THR C 248 -26.48 15.47 -30.97
C THR C 248 -25.54 14.41 -30.39
N ILE C 249 -24.51 14.82 -29.66
CA ILE C 249 -23.65 13.84 -29.00
C ILE C 249 -24.45 13.04 -27.97
N MET C 250 -25.26 13.72 -27.16
CA MET C 250 -26.04 13.02 -26.15
C MET C 250 -27.12 12.16 -26.80
N VAL C 251 -27.72 12.61 -27.90
CA VAL C 251 -28.73 11.81 -28.59
C VAL C 251 -28.09 10.53 -29.14
N ILE C 252 -26.93 10.66 -29.78
CA ILE C 252 -26.26 9.50 -30.36
C ILE C 252 -25.85 8.52 -29.25
N THR C 253 -25.27 9.03 -28.16
CA THR C 253 -24.84 8.14 -27.10
C THR C 253 -26.02 7.52 -26.36
N TYR C 254 -27.12 8.25 -26.18
CA TYR C 254 -28.29 7.66 -25.56
C TYR C 254 -28.90 6.56 -26.43
N PHE C 255 -29.00 6.81 -27.74
CA PHE C 255 -29.53 5.78 -28.62
C PHE C 255 -28.64 4.56 -28.65
N LEU C 256 -27.32 4.76 -28.67
CA LEU C 256 -26.41 3.62 -28.72
C LEU C 256 -26.38 2.87 -27.39
N THR C 257 -26.49 3.58 -26.26
CA THR C 257 -26.56 2.90 -24.97
C THR C 257 -27.85 2.11 -24.85
N ILE C 258 -28.96 2.65 -25.35
CA ILE C 258 -30.21 1.90 -25.33
C ILE C 258 -30.10 0.67 -26.21
N LYS C 259 -29.52 0.82 -27.41
CA LYS C 259 -29.37 -0.31 -28.31
C LYS C 259 -28.30 -1.30 -27.85
N SER C 260 -27.47 -0.93 -26.86
CA SER C 260 -26.46 -1.82 -26.31
C SER C 260 -27.00 -2.65 -25.15
N LEU C 261 -27.79 -2.05 -24.26
CA LEU C 261 -28.36 -2.77 -23.13
C LEU C 261 -29.54 -3.65 -23.53
N GLN C 262 -30.19 -3.36 -24.65
CA GLN C 262 -31.32 -4.18 -25.11
C GLN C 262 -30.86 -5.44 -25.84
N LYS C 263 -29.57 -5.58 -26.15
CA LYS C 263 -29.11 -6.78 -26.84
C LYS C 263 -29.11 -8.00 -25.92
N GLU C 264 -29.09 -7.81 -24.61
CA GLU C 264 -29.08 -8.93 -23.68
C GLU C 264 -30.45 -9.62 -23.65
N ILE C 315 -33.17 -9.72 -15.38
CA ILE C 315 -32.54 -8.61 -16.08
C ILE C 315 -33.16 -7.29 -15.66
N SER C 316 -33.67 -7.22 -14.43
CA SER C 316 -34.31 -6.00 -13.96
C SER C 316 -33.31 -4.89 -13.73
N ASN C 317 -32.04 -5.22 -13.48
CA ASN C 317 -31.02 -4.18 -13.32
C ASN C 317 -30.83 -3.38 -14.61
N GLU C 318 -30.75 -4.08 -15.75
CA GLU C 318 -30.58 -3.39 -17.01
C GLU C 318 -31.80 -2.58 -17.38
N GLN C 319 -32.99 -3.09 -17.08
CA GLN C 319 -34.21 -2.34 -17.36
C GLN C 319 -34.29 -1.09 -16.48
N LYS C 320 -33.89 -1.21 -15.20
CA LYS C 320 -33.85 -0.04 -14.34
C LYS C 320 -32.83 0.98 -14.84
N ALA C 321 -31.67 0.51 -15.31
CA ALA C 321 -30.69 1.43 -15.87
C ALA C 321 -31.22 2.11 -17.12
N CYS C 322 -31.94 1.38 -17.97
CA CYS C 322 -32.54 1.99 -19.14
C CYS C 322 -33.57 3.04 -18.77
N LYS C 323 -34.41 2.75 -17.76
CA LYS C 323 -35.38 3.74 -17.31
C LYS C 323 -34.68 4.99 -16.77
N VAL C 324 -33.61 4.80 -16.00
CA VAL C 324 -32.89 5.94 -15.44
C VAL C 324 -32.27 6.77 -16.56
N LEU C 325 -31.65 6.11 -17.54
CA LEU C 325 -31.03 6.84 -18.65
C LEU C 325 -32.07 7.61 -19.45
N GLY C 326 -33.21 6.99 -19.73
CA GLY C 326 -34.26 7.68 -20.46
C GLY C 326 -34.80 8.86 -19.70
N ILE C 327 -35.01 8.70 -18.38
CA ILE C 327 -35.48 9.81 -17.57
C ILE C 327 -34.49 10.95 -17.59
N VAL C 328 -33.18 10.64 -17.44
CA VAL C 328 -32.16 11.68 -17.41
C VAL C 328 -32.13 12.43 -18.74
N PHE C 329 -32.13 11.68 -19.85
CA PHE C 329 -32.02 12.32 -21.16
C PHE C 329 -33.23 13.19 -21.45
N PHE C 330 -34.44 12.67 -21.19
CA PHE C 330 -35.63 13.46 -21.50
C PHE C 330 -35.79 14.64 -20.56
N LEU C 331 -35.38 14.50 -19.29
CA LEU C 331 -35.42 15.64 -18.39
C LEU C 331 -34.46 16.73 -18.85
N PHE C 332 -33.25 16.35 -19.27
CA PHE C 332 -32.30 17.34 -19.76
C PHE C 332 -32.85 18.04 -21.00
N VAL C 333 -33.43 17.27 -21.94
CA VAL C 333 -33.97 17.87 -23.15
C VAL C 333 -35.12 18.81 -22.84
N VAL C 334 -36.04 18.38 -21.96
CA VAL C 334 -37.19 19.20 -21.63
C VAL C 334 -36.75 20.48 -20.92
N MET C 335 -35.78 20.38 -20.03
CA MET C 335 -35.38 21.54 -19.24
C MET C 335 -34.62 22.56 -20.08
N TRP C 336 -33.67 22.10 -20.92
CA TRP C 336 -32.76 23.02 -21.58
C TRP C 336 -33.14 23.36 -23.01
N CYS C 337 -33.87 22.49 -23.71
CA CYS C 337 -34.11 22.70 -25.14
C CYS C 337 -34.88 23.97 -25.49
N PRO C 338 -35.98 24.33 -24.80
CA PRO C 338 -36.73 25.52 -25.24
C PRO C 338 -35.94 26.81 -25.20
N PHE C 339 -35.01 26.95 -24.24
CA PHE C 339 -34.30 28.21 -24.10
C PHE C 339 -33.38 28.47 -25.29
N PHE C 340 -32.61 27.47 -25.71
CA PHE C 340 -31.68 27.70 -26.81
C PHE C 340 -32.42 27.85 -28.14
N ILE C 341 -33.49 27.09 -28.35
CA ILE C 341 -34.21 27.22 -29.62
C ILE C 341 -34.92 28.56 -29.70
N THR C 342 -35.49 29.05 -28.60
CA THR C 342 -36.08 30.40 -28.65
C THR C 342 -35.02 31.48 -28.70
N ASN C 343 -33.82 31.23 -28.16
CA ASN C 343 -32.74 32.20 -28.30
C ASN C 343 -32.34 32.30 -29.76
N ILE C 344 -32.28 31.17 -30.47
CA ILE C 344 -31.95 31.20 -31.89
C ILE C 344 -33.06 31.89 -32.68
N MET C 345 -34.31 31.58 -32.37
CA MET C 345 -35.43 32.23 -33.07
C MET C 345 -35.52 33.71 -32.78
N ALA C 346 -34.98 34.17 -31.65
CA ALA C 346 -34.99 35.60 -31.35
C ALA C 346 -34.11 36.37 -32.32
N VAL C 347 -32.98 35.79 -32.72
CA VAL C 347 -31.99 36.51 -33.53
C VAL C 347 -32.19 36.21 -35.02
N ILE C 348 -32.52 34.97 -35.37
CA ILE C 348 -32.63 34.60 -36.79
C ILE C 348 -33.88 35.14 -37.45
N CYS C 349 -34.89 35.55 -36.66
CA CYS C 349 -36.11 36.13 -37.21
C CYS C 349 -36.01 37.64 -37.29
N ASN C 354 -43.66 41.43 -32.73
CA ASN C 354 -43.46 40.09 -32.18
C ASN C 354 -42.26 40.01 -31.24
N GLU C 355 -41.54 41.13 -31.08
CA GLU C 355 -40.35 41.11 -30.23
C GLU C 355 -40.71 40.93 -28.76
N ASP C 356 -41.83 41.49 -28.31
CA ASP C 356 -42.21 41.39 -26.91
C ASP C 356 -42.57 39.95 -26.54
N VAL C 357 -43.26 39.24 -27.43
CA VAL C 357 -43.65 37.87 -27.13
C VAL C 357 -42.42 36.96 -27.06
N ILE C 358 -41.49 37.11 -28.00
CA ILE C 358 -40.28 36.30 -27.98
C ILE C 358 -39.44 36.65 -26.77
N GLY C 359 -39.39 37.93 -26.41
CA GLY C 359 -38.66 38.32 -25.22
C GLY C 359 -39.24 37.73 -23.95
N ALA C 360 -40.57 37.72 -23.84
CA ALA C 360 -41.20 37.11 -22.67
C ALA C 360 -40.97 35.61 -22.64
N LEU C 361 -41.01 34.95 -23.80
CA LEU C 361 -40.76 33.51 -23.84
C LEU C 361 -39.33 33.21 -23.41
N LEU C 362 -38.37 34.00 -23.88
CA LEU C 362 -36.99 33.83 -23.43
C LEU C 362 -36.87 34.10 -21.93
N ASN C 363 -37.63 35.08 -21.44
CA ASN C 363 -37.61 35.40 -20.01
C ASN C 363 -38.06 34.22 -19.17
N VAL C 364 -39.14 33.55 -19.58
CA VAL C 364 -39.61 32.40 -18.82
C VAL C 364 -38.65 31.21 -18.98
N PHE C 365 -38.12 31.01 -20.20
CA PHE C 365 -37.33 29.81 -20.43
C PHE C 365 -35.92 29.90 -19.85
N VAL C 366 -35.38 31.11 -19.65
CA VAL C 366 -34.09 31.21 -19.00
C VAL C 366 -34.20 30.90 -17.52
N TRP C 367 -35.37 31.07 -16.91
CA TRP C 367 -35.61 30.62 -15.54
C TRP C 367 -36.01 29.15 -15.48
N ILE C 368 -36.65 28.64 -16.53
CA ILE C 368 -36.88 27.19 -16.60
C ILE C 368 -35.56 26.45 -16.67
N GLY C 369 -34.62 26.97 -17.47
CA GLY C 369 -33.31 26.34 -17.58
C GLY C 369 -32.47 26.44 -16.33
N TYR C 370 -32.71 27.45 -15.50
CA TYR C 370 -32.04 27.54 -14.21
C TYR C 370 -32.52 26.46 -13.25
N LEU C 371 -33.73 25.94 -13.44
CA LEU C 371 -34.23 24.86 -12.61
C LEU C 371 -33.47 23.56 -12.83
N SER C 372 -32.81 23.40 -13.98
CA SER C 372 -32.03 22.19 -14.24
C SER C 372 -30.83 22.07 -13.32
N SER C 373 -30.27 23.19 -12.86
CA SER C 373 -29.15 23.13 -11.92
C SER C 373 -29.59 22.68 -10.53
N ALA C 374 -30.88 22.74 -10.22
CA ALA C 374 -31.44 22.22 -8.98
C ALA C 374 -31.97 20.80 -9.11
N VAL C 375 -31.91 20.21 -10.31
CA VAL C 375 -32.44 18.89 -10.57
C VAL C 375 -31.33 17.87 -10.78
N ASN C 376 -30.27 18.24 -11.50
CA ASN C 376 -29.17 17.32 -11.75
C ASN C 376 -28.50 16.81 -10.48
N PRO C 377 -28.26 17.62 -9.44
CA PRO C 377 -27.73 17.04 -8.19
C PRO C 377 -28.64 15.97 -7.59
N LEU C 378 -29.95 16.08 -7.75
CA LEU C 378 -30.87 15.11 -7.16
C LEU C 378 -30.98 13.85 -8.02
N VAL C 379 -31.21 14.02 -9.32
CA VAL C 379 -31.53 12.89 -10.18
C VAL C 379 -30.32 11.98 -10.35
N TYR C 380 -29.13 12.57 -10.49
CA TYR C 380 -27.92 11.77 -10.70
C TYR C 380 -27.45 11.04 -9.45
N THR C 381 -28.05 11.31 -8.28
CA THR C 381 -27.62 10.72 -7.02
C THR C 381 -28.69 9.91 -6.32
N LEU C 382 -29.95 10.35 -6.37
CA LEU C 382 -30.98 9.74 -5.53
C LEU C 382 -31.37 8.33 -5.96
N PHE C 383 -30.94 7.87 -7.14
CA PHE C 383 -31.18 6.49 -7.50
C PHE C 383 -30.28 5.53 -6.74
N ASN C 384 -29.23 6.02 -6.10
CA ASN C 384 -28.41 5.19 -5.22
C ASN C 384 -29.03 5.13 -3.83
N LYS C 385 -28.87 3.97 -3.18
CA LYS C 385 -29.36 3.81 -1.82
C LYS C 385 -28.48 4.54 -0.82
N THR C 386 -27.16 4.53 -1.04
CA THR C 386 -26.24 5.19 -0.13
C THR C 386 -26.46 6.70 -0.12
N TYR C 387 -26.70 7.29 -1.30
CA TYR C 387 -26.98 8.72 -1.35
C TYR C 387 -28.29 9.06 -0.64
N ARG C 388 -29.31 8.23 -0.80
CA ARG C 388 -30.57 8.47 -0.09
C ARG C 388 -30.37 8.39 1.42
N SER C 389 -29.61 7.40 1.87
CA SER C 389 -29.35 7.27 3.30
C SER C 389 -28.57 8.47 3.83
N ALA C 390 -27.56 8.92 3.08
CA ALA C 390 -26.77 10.07 3.51
C ALA C 390 -27.62 11.35 3.54
N PHE C 391 -28.50 11.52 2.56
CA PHE C 391 -29.34 12.71 2.52
C PHE C 391 -30.35 12.69 3.66
N SER C 392 -30.88 11.51 4.00
CA SER C 392 -31.79 11.42 5.14
C SER C 392 -31.06 11.63 6.46
N ARG C 393 -29.81 11.19 6.55
CA ARG C 393 -29.03 11.38 7.77
C ARG C 393 -28.67 12.85 7.98
N TYR C 394 -28.27 13.54 6.90
CA TYR C 394 -27.77 14.90 7.06
C TYR C 394 -28.91 15.88 7.34
N ILE C 395 -30.10 15.61 6.82
CA ILE C 395 -31.26 16.45 7.08
C ILE C 395 -31.92 15.98 8.37
N THR D 4 16.43 23.33 4.35
CA THR D 4 16.95 22.79 5.59
C THR D 4 17.22 21.29 5.48
N VAL D 5 17.56 20.84 4.28
CA VAL D 5 17.84 19.44 3.99
C VAL D 5 19.26 19.34 3.44
N SER D 6 20.04 18.42 3.99
CA SER D 6 21.41 18.23 3.53
C SER D 6 21.43 17.65 2.13
N ALA D 7 22.60 17.69 1.50
CA ALA D 7 22.75 17.14 0.15
C ALA D 7 22.49 15.63 0.16
N GLU D 8 22.97 14.94 1.19
CA GLU D 8 22.72 13.50 1.29
C GLU D 8 21.24 13.21 1.46
N ASP D 9 20.54 14.02 2.26
CA ASP D 9 19.11 13.82 2.43
C ASP D 9 18.34 14.10 1.14
N LYS D 10 18.78 15.12 0.39
CA LYS D 10 18.16 15.38 -0.91
C LYS D 10 18.35 14.22 -1.87
N ALA D 11 19.57 13.64 -1.88
CA ALA D 11 19.82 12.48 -2.73
C ALA D 11 18.97 11.29 -2.29
N ALA D 12 18.80 11.11 -0.98
CA ALA D 12 17.94 10.04 -0.48
C ALA D 12 16.50 10.25 -0.92
N ALA D 13 16.02 11.49 -0.88
CA ALA D 13 14.67 11.78 -1.34
C ALA D 13 14.52 11.49 -2.83
N GLU D 14 15.53 11.84 -3.63
CA GLU D 14 15.46 11.55 -5.05
C GLU D 14 15.43 10.05 -5.31
N ARG D 15 16.22 9.30 -4.55
CA ARG D 15 16.19 7.83 -4.64
C ARG D 15 14.81 7.29 -4.29
N SER D 16 14.19 7.84 -3.25
CA SER D 16 12.85 7.42 -2.86
C SER D 16 11.85 7.70 -3.98
N LYS D 17 11.97 8.86 -4.63
CA LYS D 17 11.06 9.18 -5.72
C LYS D 17 11.25 8.23 -6.91
N MET D 18 12.50 7.88 -7.21
CA MET D 18 12.74 6.90 -8.27
C MET D 18 12.13 5.55 -7.92
N ILE D 19 12.27 5.13 -6.66
CA ILE D 19 11.64 3.88 -6.22
C ILE D 19 10.13 3.96 -6.38
N ASP D 20 9.55 5.11 -6.03
CA ASP D 20 8.10 5.28 -6.18
C ASP D 20 7.68 5.17 -7.64
N LYS D 21 8.46 5.76 -8.54
CA LYS D 21 8.15 5.68 -9.97
C LYS D 21 8.18 4.23 -10.45
N ASN D 22 9.22 3.47 -10.05
CA ASN D 22 9.31 2.08 -10.47
C ASN D 22 8.16 1.26 -9.89
N LEU D 23 7.79 1.51 -8.64
CA LEU D 23 6.67 0.80 -8.04
C LEU D 23 5.37 1.09 -8.76
N ARG D 24 5.15 2.36 -9.14
CA ARG D 24 3.94 2.71 -9.88
C ARG D 24 3.90 2.02 -11.23
N GLU D 25 5.04 1.96 -11.93
CA GLU D 25 5.08 1.26 -13.21
C GLU D 25 4.74 -0.22 -13.03
N ASP D 26 5.33 -0.85 -12.01
CA ASP D 26 5.06 -2.27 -11.78
C ASP D 26 3.59 -2.50 -11.44
N GLY D 27 3.01 -1.63 -10.63
CA GLY D 27 1.60 -1.77 -10.29
C GLY D 27 0.68 -1.60 -11.50
N GLU D 28 1.00 -0.62 -12.35
CA GLU D 28 0.20 -0.43 -13.56
C GLU D 28 0.29 -1.65 -14.46
N LYS D 29 1.49 -2.25 -14.57
CA LYS D 29 1.63 -3.48 -15.33
C LYS D 29 0.82 -4.61 -14.71
N ALA D 30 0.79 -4.68 -13.37
CA ALA D 30 0.12 -5.78 -12.69
C ALA D 30 -1.41 -5.67 -12.80
N ARG D 31 -1.93 -4.44 -12.88
CA ARG D 31 -3.38 -4.23 -12.88
C ARG D 31 -4.04 -4.89 -14.10
N ARG D 32 -3.30 -5.04 -15.19
CA ARG D 32 -3.92 -5.43 -16.46
C ARG D 32 -4.46 -6.86 -16.41
N THR D 33 -3.76 -7.75 -15.71
CA THR D 33 -4.19 -9.14 -15.65
C THR D 33 -5.44 -9.30 -14.77
N LEU D 34 -6.27 -10.27 -15.14
CA LEU D 34 -7.42 -10.68 -14.35
C LEU D 34 -7.07 -11.96 -13.60
N ARG D 35 -7.25 -11.93 -12.28
CA ARG D 35 -6.79 -13.00 -11.40
C ARG D 35 -7.96 -13.90 -11.04
N LEU D 36 -7.73 -15.21 -11.10
CA LEU D 36 -8.75 -16.22 -10.85
C LEU D 36 -8.23 -17.23 -9.83
N LEU D 37 -9.17 -17.82 -9.08
CA LEU D 37 -8.87 -18.85 -8.09
C LEU D 37 -9.62 -20.11 -8.47
N LEU D 38 -8.91 -21.23 -8.50
CA LEU D 38 -9.46 -22.53 -8.87
C LEU D 38 -9.52 -23.41 -7.63
N LEU D 39 -10.72 -23.88 -7.28
CA LEU D 39 -10.94 -24.71 -6.09
C LEU D 39 -11.72 -25.94 -6.47
N GLY D 40 -11.12 -27.11 -6.25
CA GLY D 40 -11.79 -28.38 -6.40
C GLY D 40 -11.14 -29.40 -5.49
N ALA D 41 -11.93 -30.10 -4.69
CA ALA D 41 -11.37 -30.94 -3.63
C ALA D 41 -10.54 -32.08 -4.21
N ASP D 42 -11.13 -32.86 -5.12
CA ASP D 42 -10.44 -33.98 -5.75
C ASP D 42 -11.33 -34.54 -6.84
N ASN D 43 -10.72 -35.32 -7.73
CA ASN D 43 -11.37 -36.05 -8.82
C ASN D 43 -12.32 -35.19 -9.66
N SER D 44 -12.08 -33.88 -9.71
CA SER D 44 -12.95 -32.95 -10.44
C SER D 44 -12.41 -32.56 -11.80
N GLY D 45 -11.16 -32.90 -12.11
CA GLY D 45 -10.57 -32.48 -13.38
C GLY D 45 -10.27 -31.00 -13.44
N LYS D 46 -10.04 -30.38 -12.28
CA LYS D 46 -9.78 -28.94 -12.24
C LYS D 46 -8.53 -28.59 -13.04
N SER D 47 -7.56 -29.49 -13.10
CA SER D 47 -6.41 -29.27 -13.98
C SER D 47 -6.81 -29.42 -15.44
N THR D 48 -7.76 -30.31 -15.72
CA THR D 48 -8.13 -30.60 -17.11
C THR D 48 -9.11 -29.57 -17.67
N ILE D 49 -9.61 -28.66 -16.83
CA ILE D 49 -10.59 -27.68 -17.30
C ILE D 49 -10.00 -26.81 -18.41
N VAL D 50 -8.83 -26.23 -18.19
CA VAL D 50 -8.22 -25.30 -19.14
C VAL D 50 -7.19 -26.06 -19.97
N LYS D 51 -7.32 -25.96 -21.29
CA LYS D 51 -6.44 -26.71 -22.18
C LYS D 51 -5.16 -25.94 -22.50
N GLN D 52 -5.17 -24.62 -22.27
CA GLN D 52 -4.02 -23.80 -22.65
C GLN D 52 -2.77 -24.20 -21.87
N MET D 53 -2.91 -24.47 -20.58
CA MET D 53 -1.78 -24.86 -19.74
C MET D 53 -2.24 -25.75 -18.60
N SER D 67 5.83 -25.47 -4.63
CA SER D 67 5.03 -26.58 -4.16
C SER D 67 3.77 -26.10 -3.45
N GLY D 68 3.87 -24.94 -2.80
CA GLY D 68 2.74 -24.43 -2.03
C GLY D 68 1.56 -24.05 -2.91
N ILE D 69 1.82 -23.36 -4.01
CA ILE D 69 0.78 -22.83 -4.89
C ILE D 69 1.19 -23.07 -6.35
N PHE D 70 0.23 -23.48 -7.16
CA PHE D 70 0.43 -23.69 -8.59
C PHE D 70 -0.26 -22.58 -9.36
N GLU D 71 0.41 -22.06 -10.38
CA GLU D 71 -0.05 -20.90 -11.13
C GLU D 71 -0.13 -21.29 -12.60
N THR D 72 -1.19 -20.83 -13.27
CA THR D 72 -1.41 -21.10 -14.69
C THR D 72 -1.79 -19.79 -15.38
N LYS D 73 -1.28 -19.60 -16.59
CA LYS D 73 -1.54 -18.42 -17.41
C LYS D 73 -2.07 -18.84 -18.77
N PHE D 74 -3.25 -18.32 -19.13
CA PHE D 74 -3.82 -18.50 -20.45
C PHE D 74 -4.36 -17.17 -20.94
N GLN D 75 -4.29 -16.96 -22.26
CA GLN D 75 -4.68 -15.71 -22.89
C GLN D 75 -5.81 -15.97 -23.88
N VAL D 76 -6.85 -15.16 -23.81
CA VAL D 76 -7.98 -15.23 -24.73
C VAL D 76 -8.36 -13.80 -25.13
N ASP D 77 -8.41 -13.54 -26.43
CA ASP D 77 -8.74 -12.21 -26.98
C ASP D 77 -7.81 -11.14 -26.42
N LYS D 78 -6.53 -11.48 -26.30
CA LYS D 78 -5.51 -10.54 -25.85
C LYS D 78 -5.77 -10.05 -24.44
N VAL D 79 -6.34 -10.93 -23.60
CA VAL D 79 -6.60 -10.66 -22.19
C VAL D 79 -5.90 -11.73 -21.38
N ASN D 80 -5.10 -11.31 -20.41
CA ASN D 80 -4.27 -12.22 -19.61
C ASN D 80 -5.04 -12.66 -18.37
N PHE D 81 -5.07 -13.96 -18.13
CA PHE D 81 -5.76 -14.56 -17.00
C PHE D 81 -4.76 -15.31 -16.14
N HIS D 82 -4.83 -15.10 -14.82
CA HIS D 82 -4.02 -15.82 -13.86
C HIS D 82 -4.92 -16.73 -13.05
N MET D 83 -4.60 -18.03 -13.03
CA MET D 83 -5.34 -19.03 -12.29
C MET D 83 -4.43 -19.68 -11.26
N PHE D 84 -4.82 -19.60 -9.99
CA PHE D 84 -4.03 -20.14 -8.89
C PHE D 84 -4.71 -21.38 -8.35
N ASP D 85 -3.92 -22.43 -8.10
CA ASP D 85 -4.39 -23.66 -7.50
C ASP D 85 -3.54 -23.98 -6.28
N VAL D 86 -4.15 -24.01 -5.11
CA VAL D 86 -3.48 -24.26 -3.85
C VAL D 86 -3.80 -25.69 -3.43
N GLY D 87 -2.82 -26.58 -3.57
CA GLY D 87 -2.97 -27.99 -3.27
C GLY D 87 -2.11 -28.53 -2.15
N GLY D 88 -1.25 -27.71 -1.55
CA GLY D 88 -0.36 -28.15 -0.48
C GLY D 88 -0.90 -28.01 0.92
N GLN D 89 -2.20 -27.70 1.07
CA GLN D 89 -2.82 -27.45 2.36
C GLN D 89 -3.89 -28.49 2.64
N ARG D 90 -4.34 -28.55 3.89
CA ARG D 90 -5.37 -29.50 4.27
C ARG D 90 -6.72 -29.10 3.67
N ASP D 91 -7.74 -29.90 4.01
CA ASP D 91 -9.08 -29.65 3.47
C ASP D 91 -9.61 -28.29 3.92
N GLU D 92 -9.41 -27.95 5.20
CA GLU D 92 -9.83 -26.64 5.69
C GLU D 92 -8.95 -25.56 5.09
N ARG D 93 -9.59 -24.49 4.60
CA ARG D 93 -8.91 -23.43 3.86
C ARG D 93 -9.17 -22.05 4.45
N ARG D 94 -9.59 -21.97 5.72
CA ARG D 94 -10.11 -20.70 6.24
C ARG D 94 -9.04 -19.62 6.27
N LYS D 95 -7.78 -19.99 6.44
CA LYS D 95 -6.74 -18.98 6.67
C LYS D 95 -6.17 -18.45 5.37
N TRP D 96 -5.80 -19.34 4.43
CA TRP D 96 -5.16 -18.88 3.21
C TRP D 96 -6.18 -18.35 2.20
N ILE D 97 -7.48 -18.59 2.43
CA ILE D 97 -8.50 -18.04 1.54
C ILE D 97 -8.70 -16.55 1.81
N GLN D 98 -8.22 -16.06 2.96
CA GLN D 98 -8.30 -14.63 3.24
C GLN D 98 -7.53 -13.82 2.20
N CYS D 99 -6.41 -14.36 1.72
CA CYS D 99 -5.59 -13.63 0.76
C CYS D 99 -6.34 -13.39 -0.55
N PHE D 100 -7.09 -14.38 -1.01
CA PHE D 100 -7.78 -14.30 -2.31
C PHE D 100 -9.18 -13.71 -2.14
N ASN D 101 -9.24 -12.45 -1.71
CA ASN D 101 -10.56 -11.76 -1.68
C ASN D 101 -10.53 -10.61 -2.69
N ASP D 102 -9.38 -10.39 -3.34
CA ASP D 102 -9.32 -9.41 -4.42
C ASP D 102 -9.50 -10.03 -5.80
N VAL D 103 -9.67 -11.35 -5.90
CA VAL D 103 -9.72 -12.01 -7.19
C VAL D 103 -10.96 -11.56 -7.96
N THR D 104 -10.89 -11.68 -9.29
CA THR D 104 -12.06 -11.39 -10.11
C THR D 104 -13.18 -12.39 -9.86
N ALA D 105 -12.83 -13.68 -9.81
CA ALA D 105 -13.83 -14.74 -9.65
C ALA D 105 -13.15 -15.98 -9.11
N ILE D 106 -13.97 -16.89 -8.59
CA ILE D 106 -13.54 -18.19 -8.09
C ILE D 106 -14.14 -19.27 -8.99
N ILE D 107 -13.30 -20.14 -9.52
CA ILE D 107 -13.74 -21.21 -10.40
C ILE D 107 -13.85 -22.49 -9.58
N PHE D 108 -15.07 -22.97 -9.39
CA PHE D 108 -15.35 -24.20 -8.66
C PHE D 108 -15.60 -25.31 -9.66
N VAL D 109 -14.85 -26.40 -9.54
CA VAL D 109 -14.96 -27.55 -10.42
C VAL D 109 -15.40 -28.74 -9.57
N VAL D 110 -16.48 -29.39 -10.00
CA VAL D 110 -17.09 -30.50 -9.27
C VAL D 110 -17.46 -31.61 -10.23
N ASP D 111 -17.17 -32.84 -9.84
CA ASP D 111 -17.47 -34.02 -10.65
C ASP D 111 -18.92 -34.42 -10.41
N SER D 112 -19.77 -34.20 -11.43
CA SER D 112 -21.18 -34.51 -11.28
C SER D 112 -21.45 -36.01 -11.39
N SER D 113 -20.47 -36.78 -11.89
CA SER D 113 -20.68 -38.21 -12.08
C SER D 113 -20.84 -38.93 -10.74
N ASP D 114 -20.00 -38.61 -9.76
CA ASP D 114 -19.99 -39.28 -8.47
C ASP D 114 -21.08 -38.67 -7.60
N TYR D 115 -22.14 -39.44 -7.33
CA TYR D 115 -23.26 -38.91 -6.57
C TYR D 115 -22.97 -38.89 -5.07
N ASN D 116 -22.20 -39.85 -4.58
CA ASN D 116 -21.88 -39.89 -3.15
C ASN D 116 -21.09 -38.66 -2.73
N ARG D 117 -20.23 -38.16 -3.61
CA ARG D 117 -19.39 -37.01 -3.27
C ARG D 117 -20.17 -35.69 -3.36
N LEU D 118 -21.37 -35.72 -3.95
CA LEU D 118 -22.05 -34.47 -4.28
C LEU D 118 -22.49 -33.73 -3.03
N GLN D 119 -22.87 -34.45 -1.97
CA GLN D 119 -23.25 -33.75 -0.74
C GLN D 119 -22.07 -33.00 -0.14
N GLU D 120 -20.89 -33.63 -0.15
CA GLU D 120 -19.68 -32.94 0.31
C GLU D 120 -19.36 -31.75 -0.58
N ALA D 121 -19.55 -31.90 -1.89
CA ALA D 121 -19.32 -30.78 -2.80
C ALA D 121 -20.27 -29.62 -2.52
N LEU D 122 -21.54 -29.94 -2.25
CA LEU D 122 -22.52 -28.89 -1.91
C LEU D 122 -22.13 -28.20 -0.61
N ASN D 123 -21.68 -28.95 0.39
CA ASN D 123 -21.24 -28.33 1.63
C ASN D 123 -20.03 -27.42 1.40
N ASP D 124 -19.08 -27.87 0.57
CA ASP D 124 -17.92 -27.04 0.25
C ASP D 124 -18.34 -25.76 -0.46
N PHE D 125 -19.27 -25.88 -1.41
CA PHE D 125 -19.74 -24.71 -2.13
C PHE D 125 -20.45 -23.75 -1.18
N LYS D 126 -21.24 -24.27 -0.25
CA LYS D 126 -21.91 -23.41 0.73
C LYS D 126 -20.88 -22.69 1.60
N SER D 127 -19.85 -23.41 2.05
CA SER D 127 -18.83 -22.79 2.89
C SER D 127 -18.10 -21.68 2.15
N ILE D 128 -17.76 -21.91 0.87
CA ILE D 128 -17.08 -20.88 0.10
C ILE D 128 -18.01 -19.70 -0.16
N TRP D 129 -19.27 -19.99 -0.51
CA TRP D 129 -20.20 -18.94 -0.89
C TRP D 129 -20.50 -18.02 0.29
N ASN D 130 -20.68 -18.60 1.48
CA ASN D 130 -21.05 -17.84 2.66
C ASN D 130 -19.85 -17.34 3.45
N ASN D 131 -18.63 -17.52 2.95
CA ASN D 131 -17.45 -17.00 3.64
C ASN D 131 -17.50 -15.47 3.67
N ARG D 132 -17.14 -14.90 4.83
CA ARG D 132 -17.24 -13.46 5.01
C ARG D 132 -16.31 -12.72 4.05
N TRP D 133 -15.10 -13.25 3.83
CA TRP D 133 -14.13 -12.53 3.01
C TRP D 133 -14.47 -12.63 1.53
N LEU D 134 -15.05 -13.76 1.11
CA LEU D 134 -15.41 -13.98 -0.28
C LEU D 134 -16.84 -13.58 -0.60
N ARG D 135 -17.44 -12.67 0.19
CA ARG D 135 -18.82 -12.28 -0.06
C ARG D 135 -18.94 -11.46 -1.34
N THR D 136 -17.90 -10.68 -1.67
CA THR D 136 -17.95 -9.87 -2.89
C THR D 136 -17.64 -10.71 -4.12
N ILE D 137 -16.88 -11.80 -3.97
CA ILE D 137 -16.36 -12.52 -5.12
C ILE D 137 -17.45 -13.38 -5.73
N SER D 138 -17.56 -13.33 -7.06
CA SER D 138 -18.47 -14.19 -7.81
C SER D 138 -17.81 -15.52 -8.12
N VAL D 139 -18.64 -16.52 -8.37
CA VAL D 139 -18.20 -17.91 -8.56
C VAL D 139 -18.58 -18.34 -9.97
N ILE D 140 -17.71 -19.11 -10.60
CA ILE D 140 -17.99 -19.75 -11.88
C ILE D 140 -17.93 -21.26 -11.65
N LEU D 141 -19.08 -21.92 -11.76
CA LEU D 141 -19.21 -23.33 -11.43
C LEU D 141 -19.18 -24.16 -12.69
N PHE D 142 -18.21 -25.09 -12.76
CA PHE D 142 -18.09 -26.03 -13.87
C PHE D 142 -18.47 -27.42 -13.39
N LEU D 143 -19.67 -27.87 -13.76
CA LEU D 143 -20.06 -29.24 -13.50
C LEU D 143 -19.43 -30.15 -14.55
N ASN D 144 -18.53 -31.02 -14.10
CA ASN D 144 -17.59 -31.71 -14.98
C ASN D 144 -18.00 -33.16 -15.16
N LYS D 145 -17.44 -33.78 -16.19
CA LYS D 145 -17.66 -35.21 -16.50
C LYS D 145 -19.14 -35.49 -16.77
N GLN D 146 -19.78 -34.57 -17.50
CA GLN D 146 -21.19 -34.76 -17.83
C GLN D 146 -21.39 -35.97 -18.75
N ASP D 147 -20.36 -36.33 -19.54
CA ASP D 147 -20.48 -37.52 -20.37
C ASP D 147 -20.55 -38.78 -19.51
N LEU D 148 -19.70 -38.87 -18.49
CA LEU D 148 -19.77 -40.01 -17.57
C LEU D 148 -21.09 -40.00 -16.81
N LEU D 149 -21.57 -38.82 -16.42
CA LEU D 149 -22.87 -38.72 -15.77
C LEU D 149 -23.97 -39.26 -16.68
N ALA D 150 -23.96 -38.86 -17.96
CA ALA D 150 -24.97 -39.34 -18.89
C ALA D 150 -24.90 -40.84 -19.07
N GLU D 151 -23.67 -41.39 -19.18
CA GLU D 151 -23.53 -42.83 -19.31
C GLU D 151 -24.11 -43.56 -18.11
N LYS D 152 -23.82 -43.05 -16.90
CA LYS D 152 -24.36 -43.69 -15.71
C LYS D 152 -25.87 -43.60 -15.65
N VAL D 153 -26.43 -42.45 -16.02
CA VAL D 153 -27.88 -42.29 -15.98
C VAL D 153 -28.57 -43.22 -16.97
N LEU D 154 -28.01 -43.33 -18.19
CA LEU D 154 -28.59 -44.25 -19.17
C LEU D 154 -28.46 -45.70 -18.70
N ALA D 155 -27.34 -46.05 -18.07
CA ALA D 155 -27.19 -47.40 -17.55
C ALA D 155 -28.23 -47.69 -16.47
N GLY D 156 -28.43 -46.76 -15.55
CA GLY D 156 -29.46 -46.90 -14.55
C GLY D 156 -29.09 -47.75 -13.36
N LYS D 157 -27.90 -48.35 -13.34
CA LYS D 157 -27.48 -49.13 -12.18
C LYS D 157 -27.38 -48.24 -10.93
N SER D 158 -26.78 -47.07 -11.07
CA SER D 158 -26.76 -46.10 -9.99
C SER D 158 -28.02 -45.24 -10.03
N LYS D 159 -28.64 -45.07 -8.86
CA LYS D 159 -29.90 -44.36 -8.72
C LYS D 159 -29.64 -43.02 -8.04
N ILE D 160 -30.01 -41.94 -8.72
CA ILE D 160 -29.89 -40.61 -8.10
C ILE D 160 -30.91 -40.46 -6.98
N GLU D 161 -32.05 -41.13 -7.11
CA GLU D 161 -33.12 -40.99 -6.12
C GLU D 161 -32.67 -41.45 -4.74
N ASP D 162 -31.82 -42.47 -4.68
CA ASP D 162 -31.35 -42.96 -3.39
C ASP D 162 -30.54 -41.90 -2.66
N TYR D 163 -29.65 -41.20 -3.37
CA TYR D 163 -28.81 -40.20 -2.73
C TYR D 163 -29.60 -38.94 -2.43
N PHE D 164 -30.42 -38.48 -3.39
CA PHE D 164 -31.29 -37.33 -3.23
C PHE D 164 -32.72 -37.75 -3.57
N PRO D 165 -33.64 -37.87 -2.59
CA PRO D 165 -34.99 -38.32 -2.94
C PRO D 165 -35.74 -37.36 -3.86
N GLU D 166 -35.32 -36.11 -3.93
CA GLU D 166 -36.08 -35.11 -4.70
C GLU D 166 -36.10 -35.44 -6.19
N PHE D 167 -35.08 -36.13 -6.69
CA PHE D 167 -35.00 -36.42 -8.12
C PHE D 167 -36.11 -37.36 -8.56
N ALA D 168 -36.53 -38.26 -7.66
CA ALA D 168 -37.58 -39.21 -8.00
C ALA D 168 -38.88 -38.50 -8.38
N ARG D 169 -39.12 -37.33 -7.78
CA ARG D 169 -40.26 -36.47 -8.12
C ARG D 169 -39.73 -35.13 -8.58
N TYR D 170 -39.40 -35.02 -9.87
CA TYR D 170 -38.87 -33.80 -10.42
C TYR D 170 -39.29 -33.70 -11.88
N THR D 171 -39.44 -32.45 -12.35
CA THR D 171 -39.84 -32.15 -13.71
C THR D 171 -38.93 -31.06 -14.26
N THR D 172 -38.54 -31.19 -15.52
CA THR D 172 -37.66 -30.20 -16.11
C THR D 172 -38.42 -28.89 -16.30
N PRO D 173 -37.74 -27.73 -16.21
CA PRO D 173 -38.47 -26.48 -16.38
C PRO D 173 -38.90 -26.22 -17.83
N GLU D 182 -29.25 -35.06 -26.43
CA GLU D 182 -29.35 -35.32 -25.00
C GLU D 182 -30.73 -35.89 -24.66
N ASP D 183 -30.73 -37.01 -23.95
CA ASP D 183 -31.99 -37.67 -23.63
C ASP D 183 -32.71 -36.91 -22.52
N PRO D 184 -34.05 -37.00 -22.44
CA PRO D 184 -34.76 -36.24 -21.38
C PRO D 184 -34.35 -36.63 -19.97
N ARG D 185 -34.06 -37.90 -19.72
CA ARG D 185 -33.66 -38.32 -18.38
C ARG D 185 -32.33 -37.69 -17.99
N VAL D 186 -31.35 -37.70 -18.90
CA VAL D 186 -30.07 -37.07 -18.64
C VAL D 186 -30.25 -35.57 -18.44
N THR D 187 -31.11 -34.95 -19.26
CA THR D 187 -31.35 -33.52 -19.11
C THR D 187 -31.95 -33.21 -17.73
N ARG D 188 -32.91 -34.02 -17.29
CA ARG D 188 -33.52 -33.80 -15.98
C ARG D 188 -32.49 -33.97 -14.87
N ALA D 189 -31.64 -35.00 -14.96
CA ALA D 189 -30.64 -35.22 -13.92
C ALA D 189 -29.65 -34.06 -13.85
N LYS D 190 -29.17 -33.60 -15.02
CA LYS D 190 -28.21 -32.50 -15.03
C LYS D 190 -28.84 -31.22 -14.51
N TYR D 191 -30.10 -30.96 -14.89
CA TYR D 191 -30.77 -29.77 -14.39
C TYR D 191 -30.97 -29.84 -12.88
N PHE D 192 -31.26 -31.02 -12.35
CA PHE D 192 -31.39 -31.21 -10.91
C PHE D 192 -30.08 -30.89 -10.19
N ILE D 193 -28.98 -31.47 -10.68
CA ILE D 193 -27.68 -31.26 -10.05
C ILE D 193 -27.30 -29.79 -10.11
N ARG D 194 -27.53 -29.14 -11.26
CA ARG D 194 -27.27 -27.71 -11.36
C ARG D 194 -28.16 -26.92 -10.42
N LYS D 195 -29.41 -27.36 -10.24
CA LYS D 195 -30.37 -26.61 -9.45
C LYS D 195 -29.97 -26.59 -7.99
N GLU D 196 -29.36 -27.66 -7.49
CA GLU D 196 -28.88 -27.63 -6.09
C GLU D 196 -27.87 -26.51 -5.87
N PHE D 197 -26.83 -26.43 -6.71
CA PHE D 197 -25.83 -25.39 -6.54
C PHE D 197 -26.42 -24.00 -6.76
N VAL D 198 -27.28 -23.87 -7.78
CA VAL D 198 -27.88 -22.56 -8.05
C VAL D 198 -28.76 -22.12 -6.88
N ASP D 199 -29.43 -23.08 -6.23
CA ASP D 199 -30.26 -22.72 -5.08
C ASP D 199 -29.40 -22.31 -3.88
N ILE D 200 -28.28 -23.01 -3.66
CA ILE D 200 -27.38 -22.59 -2.60
C ILE D 200 -26.86 -21.17 -2.87
N SER D 201 -26.56 -20.87 -4.13
CA SER D 201 -26.13 -19.51 -4.48
C SER D 201 -27.24 -18.51 -4.26
N THR D 202 -28.47 -18.86 -4.64
CA THR D 202 -29.59 -17.93 -4.55
C THR D 202 -30.01 -17.69 -3.10
N ALA D 203 -29.67 -18.61 -2.21
CA ALA D 203 -30.07 -18.47 -0.80
C ALA D 203 -29.57 -17.16 -0.19
N SER D 204 -28.36 -16.73 -0.57
CA SER D 204 -27.83 -15.47 -0.05
C SER D 204 -28.69 -14.29 -0.49
N GLY D 205 -28.94 -14.17 -1.80
CA GLY D 205 -29.76 -13.10 -2.33
C GLY D 205 -29.16 -11.71 -2.26
N ASP D 206 -27.86 -11.60 -1.94
CA ASP D 206 -27.26 -10.28 -1.81
C ASP D 206 -27.20 -9.55 -3.14
N GLY D 207 -26.85 -10.27 -4.21
CA GLY D 207 -26.70 -9.68 -5.52
C GLY D 207 -25.33 -9.08 -5.79
N ARG D 208 -24.51 -8.89 -4.76
CA ARG D 208 -23.15 -8.41 -4.97
C ARG D 208 -22.30 -9.45 -5.70
N HIS D 209 -22.69 -10.72 -5.54
CA HIS D 209 -21.96 -11.84 -6.18
C HIS D 209 -22.97 -12.83 -6.77
N ILE D 210 -22.65 -13.41 -7.92
CA ILE D 210 -23.54 -14.33 -8.62
C ILE D 210 -22.74 -15.57 -8.99
N CYS D 211 -23.42 -16.71 -9.01
CA CYS D 211 -22.85 -17.99 -9.42
C CYS D 211 -23.27 -18.27 -10.86
N TYR D 212 -22.28 -18.50 -11.72
CA TYR D 212 -22.51 -18.77 -13.13
C TYR D 212 -22.30 -20.26 -13.40
N PRO D 213 -23.35 -21.08 -13.57
CA PRO D 213 -23.12 -22.52 -13.75
C PRO D 213 -22.92 -22.92 -15.20
N HIS D 214 -22.00 -23.85 -15.44
CA HIS D 214 -21.74 -24.38 -16.77
C HIS D 214 -21.56 -25.88 -16.67
N PHE D 215 -21.76 -26.57 -17.80
CA PHE D 215 -21.58 -28.00 -17.92
C PHE D 215 -20.42 -28.26 -18.87
N THR D 216 -19.42 -29.00 -18.39
CA THR D 216 -18.17 -29.22 -19.11
C THR D 216 -17.93 -30.71 -19.27
N CYS D 217 -17.46 -31.10 -20.45
CA CYS D 217 -17.06 -32.48 -20.68
C CYS D 217 -15.63 -32.70 -20.16
N ALA D 218 -15.18 -33.96 -20.27
CA ALA D 218 -13.80 -34.27 -19.89
C ALA D 218 -12.81 -33.52 -20.77
N VAL D 219 -13.08 -33.46 -22.08
CA VAL D 219 -12.31 -32.67 -23.03
C VAL D 219 -13.28 -31.71 -23.72
N ASP D 220 -12.97 -30.42 -23.61
CA ASP D 220 -13.85 -29.37 -24.21
C ASP D 220 -12.95 -28.36 -24.93
N THR D 221 -13.31 -27.98 -26.16
CA THR D 221 -12.49 -27.07 -26.94
C THR D 221 -12.36 -25.71 -26.26
N GLU D 222 -13.45 -25.21 -25.67
CA GLU D 222 -13.49 -23.88 -25.08
C GLU D 222 -14.00 -23.96 -23.65
N ASN D 223 -13.13 -23.59 -22.70
CA ASN D 223 -13.52 -23.20 -21.36
C ASN D 223 -12.96 -21.84 -20.98
N ALA D 224 -11.80 -21.47 -21.54
CA ALA D 224 -11.31 -20.11 -21.36
C ALA D 224 -12.26 -19.10 -21.96
N ARG D 225 -12.96 -19.45 -23.04
CA ARG D 225 -13.95 -18.56 -23.62
C ARG D 225 -15.12 -18.34 -22.65
N ARG D 226 -15.58 -19.42 -22.03
CA ARG D 226 -16.68 -19.30 -21.04
C ARG D 226 -16.19 -18.41 -19.88
N ILE D 227 -14.98 -18.69 -19.37
CA ILE D 227 -14.44 -17.89 -18.28
C ILE D 227 -14.33 -16.43 -18.70
N PHE D 228 -13.97 -16.18 -19.97
CA PHE D 228 -13.85 -14.82 -20.45
C PHE D 228 -15.20 -14.11 -20.48
N ASN D 229 -16.24 -14.80 -20.97
CA ASN D 229 -17.56 -14.20 -20.98
C ASN D 229 -18.06 -13.94 -19.56
N ASP D 230 -17.82 -14.88 -18.64
CA ASP D 230 -18.27 -14.69 -17.27
C ASP D 230 -17.51 -13.55 -16.59
N CYS D 231 -16.21 -13.42 -16.86
CA CYS D 231 -15.45 -12.32 -16.28
C CYS D 231 -15.87 -10.98 -16.88
N LYS D 232 -16.22 -10.98 -18.18
CA LYS D 232 -16.75 -9.77 -18.79
C LYS D 232 -18.03 -9.34 -18.11
N ASP D 233 -18.94 -10.29 -17.87
CA ASP D 233 -20.19 -9.97 -17.19
C ASP D 233 -19.93 -9.51 -15.75
N ILE D 234 -18.99 -10.17 -15.07
CA ILE D 234 -18.68 -9.82 -13.68
C ILE D 234 -18.18 -8.38 -13.62
N ILE D 235 -17.26 -8.01 -14.53
CA ILE D 235 -16.74 -6.65 -14.53
C ILE D 235 -17.83 -5.67 -14.95
N LEU D 236 -18.72 -6.08 -15.85
CA LEU D 236 -19.80 -5.20 -16.28
C LEU D 236 -20.73 -4.85 -15.13
N GLN D 237 -21.05 -5.82 -14.27
CA GLN D 237 -21.92 -5.53 -13.14
C GLN D 237 -21.26 -4.56 -12.17
N MET D 238 -19.96 -4.73 -11.92
CA MET D 238 -19.25 -3.76 -11.08
C MET D 238 -19.23 -2.38 -11.71
N ASN D 239 -19.08 -2.31 -13.03
CA ASN D 239 -19.11 -1.01 -13.70
C ASN D 239 -20.47 -0.35 -13.56
N LEU D 240 -21.55 -1.13 -13.71
CA LEU D 240 -22.89 -0.57 -13.54
C LEU D 240 -23.10 -0.06 -12.12
N ARG D 241 -22.61 -0.81 -11.13
CA ARG D 241 -22.76 -0.36 -9.74
C ARG D 241 -21.93 0.89 -9.47
N GLU D 242 -20.72 0.96 -10.03
CA GLU D 242 -19.86 2.12 -9.81
C GLU D 242 -20.45 3.37 -10.48
N TYR D 243 -21.05 3.21 -11.66
CA TYR D 243 -21.59 4.36 -12.37
C TYR D 243 -22.99 4.73 -11.88
N ASN D 244 -23.46 4.09 -10.80
CA ASN D 244 -24.73 4.42 -10.17
C ASN D 244 -25.92 4.14 -11.09
N LEU D 245 -25.71 3.32 -12.13
CA LEU D 245 -26.84 2.95 -12.99
C LEU D 245 -27.80 2.03 -12.27
N VAL D 246 -27.28 1.10 -11.48
CA VAL D 246 -28.11 0.14 -10.76
C VAL D 246 -28.91 0.86 -9.69
N VAL E 2 34.12 -5.51 -7.91
CA VAL E 2 33.74 -4.25 -8.51
C VAL E 2 34.96 -3.62 -9.15
N GLN E 3 34.76 -2.88 -10.24
CA GLN E 3 35.85 -2.24 -10.97
C GLN E 3 35.34 -1.00 -11.69
N LEU E 4 36.15 0.05 -11.67
CA LEU E 4 35.96 1.23 -12.51
C LEU E 4 37.25 1.51 -13.25
N VAL E 5 37.22 1.39 -14.57
CA VAL E 5 38.40 1.53 -15.41
C VAL E 5 38.22 2.78 -16.26
N GLU E 6 39.09 3.77 -16.06
CA GLU E 6 39.02 5.04 -16.77
C GLU E 6 39.75 4.92 -18.10
N SER E 7 39.29 5.68 -19.09
CA SER E 7 39.87 5.70 -20.42
C SER E 7 39.97 7.13 -20.91
N GLY E 8 40.91 7.37 -21.82
CA GLY E 8 41.18 8.68 -22.34
C GLY E 8 42.25 9.40 -21.54
N GLY E 9 42.92 10.34 -22.21
CA GLY E 9 44.00 11.08 -21.60
C GLY E 9 45.06 11.42 -22.64
N GLY E 10 46.28 11.59 -22.14
CA GLY E 10 47.40 11.92 -23.00
C GLY E 10 47.49 13.41 -23.27
N LEU E 11 48.44 13.75 -24.14
CA LEU E 11 48.68 15.15 -24.45
C LEU E 11 47.50 15.77 -25.18
N VAL E 12 47.11 16.97 -24.77
CA VAL E 12 46.10 17.77 -25.42
C VAL E 12 46.59 19.21 -25.46
N GLN E 13 46.46 19.86 -26.61
CA GLN E 13 46.86 21.25 -26.72
C GLN E 13 45.87 22.12 -25.94
N PRO E 14 46.29 23.29 -25.45
CA PRO E 14 45.30 24.23 -24.89
C PRO E 14 44.23 24.58 -25.91
N GLY E 15 43.00 24.68 -25.42
CA GLY E 15 41.86 24.94 -26.28
C GLY E 15 41.27 23.72 -26.95
N GLY E 16 41.88 22.55 -26.77
CA GLY E 16 41.33 21.35 -27.36
C GLY E 16 40.17 20.80 -26.56
N SER E 17 39.59 19.71 -27.06
CA SER E 17 38.48 19.02 -26.42
C SER E 17 38.82 17.54 -26.32
N ARG E 18 38.55 16.95 -25.15
CA ARG E 18 38.78 15.54 -24.90
C ARG E 18 37.63 14.98 -24.08
N LYS E 19 37.31 13.71 -24.33
CA LYS E 19 36.27 13.00 -23.60
C LYS E 19 36.93 11.90 -22.78
N LEU E 20 36.65 11.88 -21.49
CA LEU E 20 37.13 10.86 -20.56
C LEU E 20 35.97 9.97 -20.17
N SER E 21 36.19 8.66 -20.19
CA SER E 21 35.16 7.67 -19.94
C SER E 21 35.65 6.67 -18.90
N CYS E 22 34.74 6.32 -17.98
CA CYS E 22 35.02 5.28 -16.96
C CYS E 22 33.95 4.21 -17.12
N SER E 23 34.34 2.94 -17.27
CA SER E 23 33.44 1.82 -17.53
C SER E 23 33.26 1.02 -16.25
N ALA E 24 32.01 0.75 -15.90
CA ALA E 24 31.65 0.10 -14.65
C ALA E 24 31.32 -1.37 -14.89
N SER E 25 31.88 -2.24 -14.07
CA SER E 25 31.61 -3.67 -14.12
C SER E 25 31.54 -4.22 -12.71
N GLY E 26 30.51 -5.03 -12.45
CA GLY E 26 30.37 -5.70 -11.17
C GLY E 26 29.49 -5.01 -10.15
N PHE E 27 28.86 -3.89 -10.49
CA PHE E 27 27.94 -3.23 -9.58
C PHE E 27 26.81 -2.59 -10.39
N ALA E 28 25.68 -2.39 -9.72
CA ALA E 28 24.47 -1.87 -10.34
C ALA E 28 24.67 -0.39 -10.63
N PHE E 29 25.08 -0.07 -11.86
CA PHE E 29 25.48 1.29 -12.20
C PHE E 29 24.32 2.27 -12.09
N SER E 30 23.11 1.82 -12.39
CA SER E 30 21.97 2.74 -12.40
C SER E 30 21.67 3.27 -11.00
N SER E 31 21.84 2.43 -9.97
CA SER E 31 21.47 2.83 -8.62
C SER E 31 22.44 3.86 -8.05
N PHE E 32 23.70 3.82 -8.49
CA PHE E 32 24.73 4.64 -7.88
C PHE E 32 24.84 6.00 -8.57
N GLY E 33 24.92 7.06 -7.77
CA GLY E 33 25.37 8.33 -8.28
C GLY E 33 26.88 8.34 -8.44
N MET E 34 27.35 9.05 -9.46
CA MET E 34 28.75 9.04 -9.85
C MET E 34 29.30 10.46 -9.81
N HIS E 35 30.60 10.56 -9.52
CA HIS E 35 31.27 11.85 -9.32
C HIS E 35 32.37 12.01 -10.36
N VAL E 37 36.18 13.67 -9.56
CA VAL E 37 37.25 14.07 -8.66
C VAL E 37 38.58 13.99 -9.41
N ARG E 38 39.39 15.03 -9.28
CA ARG E 38 40.69 15.11 -9.95
C ARG E 38 41.77 15.50 -8.95
N GLN E 39 42.95 14.94 -9.12
CA GLN E 39 44.13 15.28 -8.33
C GLN E 39 45.17 15.88 -9.26
N ALA E 40 45.58 17.11 -8.97
CA ALA E 40 46.62 17.75 -9.76
C ALA E 40 47.94 17.01 -9.53
N PRO E 41 48.94 17.23 -10.39
CA PRO E 41 50.19 16.45 -10.27
C PRO E 41 50.88 16.61 -8.93
N GLU E 42 50.77 17.77 -8.28
CA GLU E 42 51.39 18.04 -6.99
C GLU E 42 50.45 18.74 -6.01
N LYS E 43 49.16 18.42 -6.03
CA LYS E 43 48.18 19.05 -5.15
C LYS E 43 47.17 17.99 -4.72
N GLY E 44 46.38 18.32 -3.70
CA GLY E 44 45.37 17.41 -3.22
C GLY E 44 44.19 17.29 -4.17
N LEU E 45 43.18 16.55 -3.74
CA LEU E 45 42.05 16.24 -4.59
C LEU E 45 41.13 17.45 -4.75
N GLU E 46 40.40 17.48 -5.86
CA GLU E 46 39.42 18.51 -6.15
C GLU E 46 38.23 17.87 -6.86
N TRP E 47 37.02 18.18 -6.40
CA TRP E 47 35.81 17.52 -6.88
C TRP E 47 35.33 18.26 -8.13
N VAL E 48 35.15 17.52 -9.23
CA VAL E 48 34.85 18.15 -10.50
C VAL E 48 33.34 18.24 -10.74
N ALA E 49 32.67 17.09 -10.79
CA ALA E 49 31.26 17.06 -11.19
C ALA E 49 30.57 15.87 -10.52
N TYR E 50 29.24 15.94 -10.51
CA TYR E 50 28.39 14.90 -9.94
C TYR E 50 27.21 14.67 -10.86
N ILE E 51 26.84 13.42 -11.06
CA ILE E 51 25.65 13.04 -11.83
C ILE E 51 24.86 12.05 -10.98
N SER E 52 23.59 12.35 -10.76
CA SER E 52 22.79 11.54 -9.85
C SER E 52 22.32 10.26 -10.54
N SER E 53 21.63 9.42 -9.76
CA SER E 53 21.00 8.25 -10.36
C SER E 53 19.81 8.69 -11.20
N GLY E 54 19.78 8.22 -12.44
CA GLY E 54 18.81 8.69 -13.40
C GLY E 54 19.13 10.03 -14.04
N SER E 55 20.29 10.62 -13.72
CA SER E 55 20.75 11.88 -14.29
C SER E 55 19.83 13.05 -13.95
N GLY E 56 19.03 12.93 -12.89
CA GLY E 56 18.09 13.99 -12.56
C GLY E 56 18.79 15.27 -12.12
N THR E 57 19.90 15.13 -11.41
CA THR E 57 20.61 16.26 -10.79
C THR E 57 22.06 16.24 -11.23
N ILE E 58 22.60 17.41 -11.57
CA ILE E 58 23.98 17.58 -11.98
C ILE E 58 24.55 18.79 -11.27
N TYR E 59 25.78 18.67 -10.77
CA TYR E 59 26.52 19.79 -10.21
C TYR E 59 27.93 19.79 -10.80
N TYR E 60 28.52 20.98 -10.88
CA TYR E 60 29.90 21.16 -11.31
C TYR E 60 30.60 22.11 -10.37
N ALA E 61 31.93 22.01 -10.33
CA ALA E 61 32.72 23.01 -9.63
C ALA E 61 32.70 24.32 -10.41
N ASP E 62 32.78 25.44 -9.68
CA ASP E 62 32.73 26.75 -10.32
C ASP E 62 33.91 26.94 -11.27
N THR E 63 35.03 26.26 -11.00
CA THR E 63 36.17 26.35 -11.90
C THR E 63 35.84 25.79 -13.28
N VAL E 64 35.11 24.66 -13.33
CA VAL E 64 34.82 23.97 -14.57
C VAL E 64 33.40 24.20 -15.07
N LYS E 65 32.58 24.94 -14.33
CA LYS E 65 31.20 25.16 -14.76
C LYS E 65 31.17 25.98 -16.04
N GLY E 66 30.39 25.52 -17.01
CA GLY E 66 30.34 26.13 -18.33
C GLY E 66 31.37 25.62 -19.31
N ARG E 67 32.29 24.74 -18.88
CA ARG E 67 33.28 24.14 -19.75
C ARG E 67 33.13 22.63 -19.90
N PHE E 68 32.85 21.92 -18.80
CA PHE E 68 32.77 20.47 -18.79
C PHE E 68 31.32 20.05 -18.71
N THR E 69 31.01 18.88 -19.26
CA THR E 69 29.70 18.26 -19.16
C THR E 69 29.85 16.81 -18.79
N ILE E 70 29.06 16.35 -17.82
CA ILE E 70 29.11 14.99 -17.30
C ILE E 70 27.83 14.29 -17.70
N SER E 71 27.97 13.08 -18.25
CA SER E 71 26.83 12.30 -18.72
C SER E 71 27.11 10.83 -18.47
N ARG E 72 26.03 10.06 -18.28
CA ARG E 72 26.09 8.62 -18.06
C ARG E 72 25.16 7.94 -19.05
N ASP E 73 25.66 6.85 -19.64
CA ASP E 73 24.84 5.99 -20.52
C ASP E 73 24.66 4.71 -19.71
N ASP E 74 23.50 4.52 -19.09
CA ASP E 74 23.31 3.41 -18.15
C ASP E 74 23.39 2.03 -18.79
N PRO E 75 22.75 1.74 -19.93
CA PRO E 75 22.79 0.36 -20.46
C PRO E 75 24.19 -0.16 -20.74
N LYS E 76 25.10 0.68 -21.22
CA LYS E 76 26.47 0.23 -21.44
C LYS E 76 27.33 0.34 -20.18
N ASN E 77 26.78 0.92 -19.09
CA ASN E 77 27.50 1.06 -17.82
C ASN E 77 28.78 1.88 -18.01
N THR E 78 28.65 3.09 -18.53
CA THR E 78 29.76 4.00 -18.74
C THR E 78 29.38 5.40 -18.31
N LEU E 79 30.35 6.12 -17.76
CA LEU E 79 30.22 7.53 -17.37
C LEU E 79 31.19 8.35 -18.20
N PHE E 80 30.70 9.47 -18.75
CA PHE E 80 31.48 10.33 -19.62
C PHE E 80 31.70 11.69 -18.98
N LEU E 81 32.81 12.33 -19.35
CA LEU E 81 33.06 13.73 -19.09
C LEU E 81 33.51 14.40 -20.38
N GLN E 82 32.63 15.21 -20.97
CA GLN E 82 32.94 15.94 -22.19
C GLN E 82 33.54 17.28 -21.79
N MET E 83 34.78 17.51 -22.20
CA MET E 83 35.60 18.62 -21.70
C MET E 83 35.97 19.52 -22.87
N THR E 84 35.78 20.83 -22.69
CA THR E 84 36.00 21.82 -23.72
C THR E 84 36.79 22.99 -23.16
N SER E 85 37.58 23.62 -24.03
CA SER E 85 38.37 24.80 -23.66
C SER E 85 39.38 24.46 -22.57
N LEU E 86 40.19 23.44 -22.81
CA LEU E 86 41.14 22.99 -21.80
C LEU E 86 42.23 24.03 -21.59
N ARG E 87 42.63 24.19 -20.34
CA ARG E 87 43.67 25.13 -19.93
C ARG E 87 44.79 24.37 -19.21
N SER E 88 45.83 25.10 -18.81
CA SER E 88 46.94 24.46 -18.11
C SER E 88 46.51 23.93 -16.75
N GLU E 89 45.52 24.56 -16.12
CA GLU E 89 45.07 24.13 -14.81
C GLU E 89 44.34 22.80 -14.87
N ASP E 90 43.82 22.44 -16.05
CA ASP E 90 42.99 21.24 -16.15
C ASP E 90 43.83 19.96 -16.07
N THR E 91 45.15 20.07 -16.17
CA THR E 91 45.99 18.89 -16.07
C THR E 91 45.89 18.29 -14.66
N ALA E 92 45.60 16.99 -14.60
CA ALA E 92 45.37 16.29 -13.34
C ALA E 92 45.18 14.81 -13.65
N MET E 93 45.00 14.02 -12.60
CA MET E 93 44.57 12.63 -12.69
C MET E 93 43.12 12.55 -12.27
N TYR E 94 42.26 12.13 -13.18
CA TYR E 94 40.81 12.14 -12.99
C TYR E 94 40.34 10.79 -12.47
N TYR E 95 39.55 10.81 -11.40
CA TYR E 95 39.05 9.61 -10.75
C TYR E 95 37.54 9.50 -10.93
N CYS E 96 37.09 8.30 -11.27
CA CYS E 96 35.66 7.97 -11.34
C CYS E 96 35.28 7.33 -10.02
N VAL E 97 34.31 7.94 -9.32
CA VAL E 97 33.91 7.53 -7.98
C VAL E 97 32.42 7.25 -7.98
N ARG E 98 32.02 6.25 -7.20
CA ARG E 98 30.63 5.87 -7.03
C ARG E 98 30.17 6.30 -5.65
N SER E 99 28.91 6.71 -5.55
CA SER E 99 28.32 7.15 -4.30
C SER E 99 26.82 6.87 -4.33
N ILE E 100 26.33 6.21 -3.29
CA ILE E 100 24.92 5.85 -3.16
C ILE E 100 24.39 6.48 -1.88
N TYR E 101 23.22 7.10 -1.97
CA TYR E 101 22.66 7.90 -0.89
C TYR E 101 21.32 7.31 -0.44
N TYR E 102 21.32 6.69 0.74
CA TYR E 102 20.12 6.38 1.48
C TYR E 102 20.50 6.41 2.95
N TYR E 103 19.53 6.15 3.82
CA TYR E 103 19.81 6.21 5.25
C TYR E 103 20.78 5.11 5.64
N GLY E 104 21.99 5.51 6.05
CA GLY E 104 23.03 4.58 6.44
C GLY E 104 23.98 4.16 5.35
N SER E 105 23.88 4.74 4.15
CA SER E 105 24.79 4.39 3.07
C SER E 105 26.16 5.01 3.30
N SER E 106 27.17 4.43 2.65
CA SER E 106 28.55 4.90 2.71
C SER E 106 28.96 5.43 1.36
N PRO E 107 28.66 6.68 1.02
CA PRO E 107 29.09 7.21 -0.29
C PRO E 107 30.60 7.37 -0.37
N PHE E 108 31.09 7.50 -1.59
CA PHE E 108 32.52 7.63 -1.91
C PHE E 108 33.30 6.39 -1.50
N ASP E 109 32.67 5.22 -1.49
CA ASP E 109 33.34 4.02 -0.98
C ASP E 109 34.40 3.49 -1.93
N PHE E 110 34.11 3.47 -3.23
CA PHE E 110 35.00 2.90 -4.24
C PHE E 110 35.42 3.96 -5.24
N TRP E 111 36.71 3.98 -5.57
CA TRP E 111 37.31 4.94 -6.49
C TRP E 111 37.96 4.18 -7.65
N GLY E 112 37.97 4.79 -8.83
CA GLY E 112 38.65 4.19 -9.96
C GLY E 112 40.15 4.39 -9.91
N GLN E 113 40.85 3.72 -10.83
CA GLN E 113 42.30 3.87 -10.89
C GLN E 113 42.69 5.26 -11.39
N GLY E 114 42.05 5.73 -12.45
CA GLY E 114 42.24 7.07 -12.95
C GLY E 114 43.17 7.12 -14.16
N THR E 115 43.03 8.20 -14.92
CA THR E 115 43.83 8.45 -16.12
C THR E 115 44.45 9.84 -16.02
N THR E 116 45.72 9.95 -16.37
CA THR E 116 46.39 11.24 -16.36
C THR E 116 46.03 12.03 -17.61
N LEU E 117 45.88 13.34 -17.44
CA LEU E 117 45.70 14.28 -18.55
C LEU E 117 46.72 15.40 -18.39
N THR E 118 47.48 15.64 -19.46
CA THR E 118 48.50 16.69 -19.48
C THR E 118 48.13 17.70 -20.56
N VAL E 119 48.13 18.98 -20.19
CA VAL E 119 47.75 20.05 -21.10
C VAL E 119 48.82 21.13 -21.06
N ASP E 137 31.61 28.42 0.22
CA ASP E 137 32.42 27.21 0.11
C ASP E 137 33.13 26.92 1.43
N ILE E 138 32.83 25.77 2.04
CA ILE E 138 33.47 25.39 3.28
C ILE E 138 34.95 25.15 3.00
N VAL E 139 35.81 25.74 3.83
CA VAL E 139 37.26 25.62 3.71
C VAL E 139 37.73 24.60 4.74
N MET E 140 38.23 23.48 4.25
CA MET E 140 38.74 22.40 5.09
C MET E 140 40.26 22.50 5.14
N THR E 141 40.81 22.65 6.34
CA THR E 141 42.23 22.87 6.55
C THR E 141 42.81 21.74 7.40
N GLN E 142 43.95 21.21 6.95
CA GLN E 142 44.72 20.23 7.70
C GLN E 142 45.92 20.95 8.30
N ALA E 143 46.13 20.78 9.60
CA ALA E 143 47.10 21.60 10.32
C ALA E 143 48.53 21.32 9.84
N THR E 144 48.92 20.04 9.81
CA THR E 144 50.30 19.64 9.51
C THR E 144 50.34 18.92 8.17
N SER E 145 51.20 19.42 7.27
CA SER E 145 51.36 18.77 5.97
C SER E 145 52.01 17.39 6.12
N SER E 146 52.95 17.27 7.05
CA SER E 146 53.63 16.00 7.32
C SER E 146 53.66 15.79 8.83
N VAL E 147 53.61 14.53 9.25
CA VAL E 147 53.61 14.15 10.65
C VAL E 147 54.58 12.99 10.81
N PRO E 148 55.59 13.08 11.70
CA PRO E 148 56.49 11.92 11.88
C PRO E 148 55.83 10.82 12.68
N VAL E 149 56.00 9.58 12.22
CA VAL E 149 55.42 8.41 12.85
C VAL E 149 56.48 7.31 12.91
N THR E 150 56.21 6.31 13.76
CA THR E 150 57.05 5.14 13.88
C THR E 150 56.16 3.89 13.86
N PRO E 151 56.67 2.72 13.44
CA PRO E 151 55.81 1.52 13.44
C PRO E 151 55.36 1.16 14.84
N GLY E 152 54.12 0.68 14.94
CA GLY E 152 53.58 0.25 16.20
C GLY E 152 53.26 1.35 17.19
N GLU E 153 53.28 2.61 16.76
CA GLU E 153 53.05 3.76 17.63
C GLU E 153 51.78 4.47 17.18
N SER E 154 50.91 4.78 18.14
CA SER E 154 49.67 5.46 17.83
C SER E 154 49.94 6.88 17.33
N VAL E 155 49.12 7.33 16.38
CA VAL E 155 49.22 8.66 15.81
C VAL E 155 47.82 9.27 15.76
N SER E 156 47.78 10.61 15.67
CA SER E 156 46.54 11.36 15.59
C SER E 156 46.64 12.38 14.47
N ILE E 157 45.57 12.50 13.68
CA ILE E 157 45.49 13.41 12.55
C ILE E 157 44.30 14.32 12.79
N SER E 158 44.49 15.62 12.55
CA SER E 158 43.49 16.64 12.85
C SER E 158 43.12 17.41 11.60
N CYS E 159 41.82 17.67 11.45
CA CYS E 159 41.27 18.49 10.38
C CYS E 159 40.24 19.42 10.97
N ARG E 160 40.02 20.56 10.32
CA ARG E 160 39.10 21.58 10.80
C ARG E 160 38.21 22.08 9.67
N SER E 161 37.05 22.61 10.04
CA SER E 161 36.07 23.14 9.12
C SER E 161 35.81 24.61 9.42
N SER E 162 35.72 25.43 8.37
CA SER E 162 35.39 26.83 8.56
C SER E 162 33.99 26.99 9.12
N LYS E 163 33.04 26.19 8.65
CA LYS E 163 31.67 26.19 9.10
C LYS E 163 31.37 24.87 9.78
N SER E 164 30.47 24.91 10.76
CA SER E 164 30.10 23.70 11.49
C SER E 164 29.45 22.70 10.54
N LEU E 165 29.94 21.46 10.58
CA LEU E 165 29.47 20.39 9.71
C LEU E 165 28.32 19.59 10.34
N LEU E 166 27.89 19.93 11.55
CA LEU E 166 26.79 19.25 12.21
C LEU E 166 25.47 19.80 11.68
N HIS E 167 24.66 18.94 11.09
CA HIS E 167 23.35 19.35 10.60
C HIS E 167 22.31 19.23 11.71
N SER E 168 21.14 19.84 11.46
CA SER E 168 20.06 19.78 12.44
C SER E 168 19.59 18.35 12.66
N ASN E 169 19.60 17.53 11.61
CA ASN E 169 19.13 16.15 11.73
C ASN E 169 20.06 15.30 12.61
N GLY E 170 21.27 15.79 12.90
CA GLY E 170 22.18 15.13 13.80
C GLY E 170 23.40 14.51 13.15
N ASN E 171 23.37 14.26 11.85
CA ASN E 171 24.55 13.74 11.15
C ASN E 171 25.54 14.85 10.90
N THR E 172 26.81 14.59 11.19
CA THR E 172 27.91 15.49 10.87
C THR E 172 28.64 14.89 9.69
N TYR E 173 28.71 15.64 8.59
CA TYR E 173 29.16 15.11 7.30
C TYR E 173 30.66 15.39 7.11
N LEU E 174 31.46 14.51 7.69
CA LEU E 174 32.91 14.51 7.50
C LEU E 174 33.35 13.13 7.05
N TYR E 175 34.25 13.09 6.07
CA TYR E 175 34.74 11.87 5.45
C TYR E 175 36.26 11.86 5.47
N TRP E 176 36.85 10.71 5.74
CA TRP E 176 38.30 10.53 5.76
C TRP E 176 38.70 9.54 4.67
N PHE E 177 39.66 9.95 3.84
CA PHE E 177 40.16 9.13 2.74
C PHE E 177 41.65 8.90 2.92
N LEU E 178 42.13 7.76 2.44
CA LEU E 178 43.55 7.41 2.47
C LEU E 178 44.01 7.09 1.06
N GLN E 179 45.04 7.79 0.59
CA GLN E 179 45.66 7.54 -0.71
C GLN E 179 47.09 7.06 -0.48
N ARG E 180 47.30 5.75 -0.62
CA ARG E 180 48.63 5.18 -0.52
C ARG E 180 49.42 5.52 -1.79
N PRO E 181 50.75 5.39 -1.74
CA PRO E 181 51.55 5.74 -2.92
C PRO E 181 51.20 4.86 -4.11
N GLY E 182 50.87 5.52 -5.22
CA GLY E 182 50.53 4.82 -6.45
C GLY E 182 49.18 4.13 -6.45
N GLN E 183 48.24 4.56 -5.61
CA GLN E 183 46.93 3.94 -5.50
C GLN E 183 45.87 5.03 -5.36
N SER E 184 44.64 4.66 -5.67
CA SER E 184 43.54 5.60 -5.57
C SER E 184 43.16 5.81 -4.11
N PRO E 185 42.48 6.92 -3.79
CA PRO E 185 42.00 7.09 -2.41
C PRO E 185 41.01 6.01 -2.01
N GLN E 186 41.00 5.69 -0.72
CA GLN E 186 40.14 4.67 -0.14
C GLN E 186 39.40 5.28 1.04
N LEU E 187 38.08 5.09 1.09
CA LEU E 187 37.30 5.60 2.20
C LEU E 187 37.65 4.84 3.48
N LEU E 188 37.86 5.58 4.57
CA LEU E 188 38.09 5.01 5.89
C LEU E 188 36.92 5.26 6.83
N ILE E 189 36.52 6.52 6.99
CA ILE E 189 35.47 6.92 7.92
C ILE E 189 34.50 7.81 7.16
N TYR E 190 33.21 7.56 7.33
CA TYR E 190 32.16 8.41 6.76
C TYR E 190 31.28 8.93 7.89
N ARG E 191 30.91 10.20 7.80
CA ARG E 191 30.08 10.93 8.77
C ARG E 191 30.74 10.95 10.15
N MET E 192 32.07 11.01 10.21
CA MET E 192 32.90 11.36 11.37
C MET E 192 32.98 10.27 12.43
N SER E 193 32.13 9.25 12.38
CA SER E 193 32.13 8.17 13.37
C SER E 193 32.05 6.79 12.77
N ASN E 194 31.36 6.63 11.64
CA ASN E 194 31.15 5.32 11.06
C ASN E 194 32.40 4.86 10.32
N LEU E 195 32.72 3.58 10.47
CA LEU E 195 33.92 2.99 9.88
C LEU E 195 33.53 2.25 8.61
N ALA E 196 34.18 2.58 7.50
CA ALA E 196 33.83 2.00 6.22
C ALA E 196 34.12 0.51 6.20
N SER E 197 33.33 -0.22 5.43
CA SER E 197 33.47 -1.68 5.37
C SER E 197 34.81 -2.06 4.76
N GLY E 198 35.42 -3.11 5.31
CA GLY E 198 36.73 -3.55 4.87
C GLY E 198 37.89 -2.81 5.48
N VAL E 199 37.66 -1.99 6.50
CA VAL E 199 38.68 -1.17 7.13
C VAL E 199 38.96 -1.77 8.51
N PRO E 200 40.21 -1.88 8.95
CA PRO E 200 40.46 -2.44 10.29
C PRO E 200 39.93 -1.54 11.39
N ASP E 201 39.69 -2.12 12.56
CA ASP E 201 39.05 -1.35 13.66
C ASP E 201 39.99 -0.27 14.21
N ARG E 202 41.29 -0.34 13.90
CA ARG E 202 42.21 0.61 14.49
C ARG E 202 41.76 2.05 14.26
N PHE E 203 41.31 2.36 13.05
CA PHE E 203 40.85 3.72 12.75
C PHE E 203 39.60 4.06 13.54
N SER E 204 39.58 5.26 14.09
CA SER E 204 38.42 5.80 14.78
C SER E 204 38.31 7.28 14.46
N GLY E 205 37.08 7.79 14.49
CA GLY E 205 36.82 9.19 14.24
C GLY E 205 36.12 9.86 15.40
N SER E 206 36.83 10.74 16.10
CA SER E 206 36.28 11.56 17.17
C SER E 206 36.21 13.00 16.68
N GLY E 207 35.05 13.60 16.77
CA GLY E 207 34.83 14.92 16.18
C GLY E 207 33.85 15.74 16.97
N SER E 208 34.09 17.05 16.96
CA SER E 208 33.16 18.05 17.46
C SER E 208 32.83 19.00 16.32
N GLY E 209 31.77 19.78 16.48
CA GLY E 209 31.42 20.73 15.45
C GLY E 209 32.54 21.73 15.18
N THR E 210 32.96 21.82 13.93
CA THR E 210 34.02 22.70 13.42
C THR E 210 35.43 22.21 13.76
N ALA E 211 35.60 21.03 14.34
CA ALA E 211 36.92 20.52 14.66
C ALA E 211 36.86 19.01 14.83
N PHE E 212 37.66 18.31 14.03
CA PHE E 212 37.59 16.86 13.93
C PHE E 212 39.00 16.29 13.95
N THR E 213 39.10 14.99 14.27
CA THR E 213 40.37 14.31 14.31
C THR E 213 40.20 12.84 14.00
N LEU E 214 41.27 12.23 13.50
CA LEU E 214 41.35 10.80 13.24
C LEU E 214 42.47 10.21 14.09
N THR E 215 42.19 9.09 14.75
CA THR E 215 43.14 8.41 15.62
C THR E 215 43.43 7.03 15.06
N ILE E 216 44.71 6.72 14.92
CA ILE E 216 45.18 5.40 14.49
C ILE E 216 45.96 4.80 15.65
N SER E 217 45.57 3.59 16.07
CA SER E 217 46.21 2.88 17.16
C SER E 217 46.89 1.63 16.61
N ARG E 218 48.09 1.38 17.10
CA ARG E 218 48.92 0.27 16.62
C ARG E 218 49.21 0.43 15.13
N LEU E 219 49.80 1.57 14.77
CA LEU E 219 50.07 1.86 13.37
C LEU E 219 51.07 0.86 12.82
N GLU E 220 50.86 0.47 11.56
CA GLU E 220 51.69 -0.52 10.88
C GLU E 220 52.06 0.00 9.49
N ALA E 221 52.98 -0.70 8.86
CA ALA E 221 53.30 -0.40 7.46
C ALA E 221 52.10 -0.73 6.59
N GLU E 222 52.07 -0.13 5.40
CA GLU E 222 50.98 -0.16 4.42
C GLU E 222 49.83 0.76 4.80
N ASP E 223 49.95 1.43 5.95
CA ASP E 223 48.91 2.41 6.38
C ASP E 223 49.46 3.83 6.21
N VAL E 224 50.58 3.96 5.49
CA VAL E 224 51.22 5.26 5.28
C VAL E 224 50.64 5.87 4.01
N GLY E 225 50.36 7.17 4.06
CA GLY E 225 49.82 7.86 2.91
C GLY E 225 49.20 9.17 3.34
N VAL E 226 48.62 9.86 2.35
CA VAL E 226 48.02 11.16 2.60
C VAL E 226 46.57 10.98 3.04
N TYR E 227 46.21 11.60 4.16
CA TYR E 227 44.88 11.49 4.75
C TYR E 227 44.09 12.75 4.45
N TYR E 228 43.05 12.61 3.63
CA TYR E 228 42.24 13.74 3.16
C TYR E 228 40.93 13.77 3.92
N CYS E 229 40.56 14.96 4.41
CA CYS E 229 39.28 15.19 5.06
C CYS E 229 38.37 15.94 4.11
N MET E 230 37.14 15.45 3.95
CA MET E 230 36.17 16.00 3.02
C MET E 230 34.90 16.34 3.78
N GLN E 231 34.17 17.34 3.29
CA GLN E 231 32.86 17.71 3.79
C GLN E 231 31.81 17.40 2.74
N HIS E 232 30.71 16.78 3.18
CA HIS E 232 29.55 16.56 2.34
C HIS E 232 28.31 17.32 2.82
N LEU E 233 28.51 18.42 3.56
CA LEU E 233 27.37 19.18 4.04
C LEU E 233 26.62 19.85 2.88
N GLU E 234 27.35 20.45 1.94
CA GLU E 234 26.74 21.12 0.81
C GLU E 234 27.72 21.14 -0.34
N TYR E 235 27.19 21.26 -1.55
CA TYR E 235 28.04 21.37 -2.73
C TYR E 235 28.56 22.79 -2.87
N PRO E 236 29.78 22.99 -3.41
CA PRO E 236 30.75 22.02 -3.92
C PRO E 236 31.44 21.27 -2.80
N LEU E 237 31.93 20.06 -3.05
CA LEU E 237 32.59 19.25 -2.04
C LEU E 237 34.05 19.64 -1.95
N THR E 238 34.50 19.99 -0.75
CA THR E 238 35.84 20.51 -0.53
C THR E 238 36.68 19.46 0.18
N PHE E 239 37.90 19.27 -0.29
CA PHE E 239 38.87 18.34 0.30
C PHE E 239 39.95 19.14 1.00
N GLY E 240 40.48 18.58 2.08
CA GLY E 240 41.62 19.18 2.74
C GLY E 240 42.91 18.94 1.98
N ALA E 241 43.94 19.70 2.36
CA ALA E 241 45.24 19.55 1.71
C ALA E 241 45.82 18.16 1.98
N GLY E 242 45.63 17.64 3.18
CA GLY E 242 46.03 16.29 3.53
C GLY E 242 47.34 16.26 4.29
N THR E 243 47.50 15.22 5.11
CA THR E 243 48.66 15.03 5.97
C THR E 243 49.34 13.72 5.59
N LYS E 244 50.64 13.80 5.28
CA LYS E 244 51.41 12.65 4.82
C LYS E 244 52.08 11.98 6.01
N LEU E 245 52.06 10.64 6.02
CA LEU E 245 52.69 9.84 7.06
C LEU E 245 53.86 9.08 6.45
N GLU E 246 55.02 9.15 7.10
CA GLU E 246 56.22 8.44 6.68
C GLU E 246 56.89 7.85 7.90
N LEU E 247 57.23 6.56 7.81
CA LEU E 247 57.87 5.86 8.93
C LEU E 247 59.27 6.42 9.18
#